data_5UZU
#
_entry.id   5UZU
#
_cell.length_a   129.034
_cell.length_b   92.944
_cell.length_c   80.394
_cell.angle_alpha   90.00
_cell.angle_beta   120.14
_cell.angle_gamma   90.00
#
_symmetry.space_group_name_H-M   'C 1 2 1'
#
loop_
_entity.id
_entity.type
_entity.pdbx_description
1 polymer 'Uncharacterised protein'
2 polymer Myeloperoxidase
3 branched beta-D-mannopyranose-(1-4)-2-acetamido-2-deoxy-beta-D-glucopyranose-(1-4)-2-acetamido-2-deoxy-beta-D-glucopyranose
4 branched 2-acetamido-2-deoxy-beta-D-glucopyranose-(1-4)-2-acetamido-2-deoxy-beta-D-glucopyranose
5 non-polymer 2-acetamido-2-deoxy-beta-D-glucopyranose
6 non-polymer 'CALCIUM ION'
7 non-polymer 'CHLORIDE ION'
8 water water
#
loop_
_entity_poly.entity_id
_entity_poly.type
_entity_poly.pdbx_seq_one_letter_code
_entity_poly.pdbx_strand_id
1 'polypeptide(L)' GSTKVYSQNGLVLHDDANFLEHELSYIDVLLDKNADQATKDNLRSYFADKGLHSIKDIINKAKQDGFDVSK B
2 'polypeptide(L)'
;CPEQDKYRTITGMCNNRRSPTLGASNRAFVRWLPAEYEDGFSLPYGWTPGVKRNGFPVALARAVSNEIVRFPTDQLTPDQ
ERSLMFMQWGQLLDHDLDFTPEPAARASFVTGVNCETSCVQQPPCFPLKIPPNDPRIKNQADCIPFFRS(CSO)PACPGS
NITIRNQINALTSFVDASMVYGSEEPLARNLRNMSNQLGLLAVNQRFQDNGRALLPFDNLHDDPCLLTNRSARIPCFLAG
DTRSSEMPELTSMHTLLLREHNRLATELKSLNPRWDGERLYQEARKIVGAMVQIITYRDYLPLVLGPTAMRKYLPTYRSY
NDSVDPRIANVFTNAFRYGHTLIQPFMFRLDNRYQPMEPNPRVPLSRVFFASWRVVLEGGIDPILRGLMATPAKLNRQNQ
IAVDEIRERLFEQVMRIGLDLPALNMQRSRDHGLPGYNAWRRFCGLPQPETVGQLGTVLRNLKLARKLMEQYGTPNNIDI
WMGGVSEPLKRKGRVGPLLACIIGTQFRKLRDGDRFWWENEGVFSMQQRQALAQISLPRIICDNTGITTVSKNNIFMSNS
YPRDFVNCSTLPALNLASWREA
;
A
#
loop_
_chem_comp.id
_chem_comp.type
_chem_comp.name
_chem_comp.formula
BMA D-saccharide, beta linking beta-D-mannopyranose 'C6 H12 O6'
CA non-polymer 'CALCIUM ION' 'Ca 2'
CL non-polymer 'CHLORIDE ION' 'Cl -1'
NAG D-saccharide, beta linking 2-acetamido-2-deoxy-beta-D-glucopyranose 'C8 H15 N O6'
#
# COMPACT_ATOMS: atom_id res chain seq x y z
N LYS A 4 -0.97 17.61 -8.04
CA LYS A 4 -2.22 16.93 -8.36
C LYS A 4 -2.91 16.41 -7.10
N VAL A 5 -4.08 15.80 -7.29
CA VAL A 5 -4.90 15.28 -6.21
C VAL A 5 -4.88 13.76 -6.26
N TYR A 6 -4.60 13.14 -5.12
CA TYR A 6 -4.65 11.69 -4.97
C TYR A 6 -5.99 11.31 -4.37
N SER A 7 -6.79 10.54 -5.12
CA SER A 7 -8.15 10.23 -4.73
C SER A 7 -8.38 8.73 -4.82
N GLN A 8 -8.94 8.15 -3.75
CA GLN A 8 -9.31 6.75 -3.69
C GLN A 8 -10.73 6.66 -3.18
N ASN A 9 -11.62 6.06 -3.98
CA ASN A 9 -13.03 5.93 -3.61
C ASN A 9 -13.62 7.28 -3.22
N GLY A 10 -13.27 8.32 -3.98
CA GLY A 10 -13.81 9.65 -3.76
C GLY A 10 -13.18 10.43 -2.63
N LEU A 11 -12.35 9.79 -1.80
CA LEU A 11 -11.69 10.47 -0.70
C LEU A 11 -10.39 11.10 -1.19
N VAL A 12 -10.18 12.37 -0.82
CA VAL A 12 -8.93 13.06 -1.12
C VAL A 12 -7.91 12.65 -0.06
N LEU A 13 -6.93 11.84 -0.45
CA LEU A 13 -5.90 11.37 0.47
C LEU A 13 -4.70 12.30 0.50
N HIS A 14 -4.49 13.12 -0.53
CA HIS A 14 -3.39 14.07 -0.54
C HIS A 14 -3.65 15.13 -1.58
N ASP A 15 -3.21 16.35 -1.28
CA ASP A 15 -3.31 17.49 -2.21
C ASP A 15 -1.98 18.24 -2.14
N ASP A 16 -1.12 18.03 -3.14
CA ASP A 16 0.22 18.58 -3.10
C ASP A 16 0.26 20.10 -3.21
N ALA A 17 -0.88 20.76 -3.36
CA ALA A 17 -0.93 22.21 -3.41
C ALA A 17 -1.10 22.86 -2.04
N ASN A 18 -1.37 22.08 -0.99
CA ASN A 18 -1.73 22.63 0.30
C ASN A 18 -0.51 22.78 1.20
N PHE A 19 -0.38 23.96 1.79
CA PHE A 19 0.59 24.16 2.86
C PHE A 19 0.45 23.08 3.92
N LEU A 20 1.58 22.61 4.44
CA LEU A 20 1.60 21.54 5.42
C LEU A 20 1.89 22.08 6.81
N GLU A 21 1.38 21.38 7.83
CA GLU A 21 1.45 21.89 9.19
C GLU A 21 2.89 22.03 9.67
N HIS A 22 3.73 21.04 9.38
CA HIS A 22 5.11 21.09 9.84
C HIS A 22 5.92 22.17 9.13
N GLU A 23 5.43 22.71 8.01
CA GLU A 23 6.09 23.85 7.38
C GLU A 23 5.90 25.15 8.15
N LEU A 24 5.04 25.17 9.17
CA LEU A 24 4.94 26.35 10.03
C LEU A 24 6.18 26.51 10.87
N SER A 25 6.83 25.42 11.25
CA SER A 25 8.09 25.50 11.98
C SER A 25 9.16 26.19 11.13
N TYR A 26 9.05 26.09 9.81
CA TYR A 26 9.97 26.81 8.93
C TYR A 26 9.73 28.32 9.02
N ILE A 27 8.45 28.72 9.05
CA ILE A 27 8.14 30.14 9.23
C ILE A 27 8.72 30.67 10.52
N ASP A 28 8.68 29.86 11.58
CA ASP A 28 9.27 30.27 12.86
C ASP A 28 10.77 30.53 12.70
N VAL A 29 11.46 29.70 11.90
CA VAL A 29 12.90 29.90 11.69
C VAL A 29 13.15 31.22 10.97
N LEU A 30 12.38 31.49 9.92
CA LEU A 30 12.60 32.71 9.14
C LEU A 30 12.41 33.95 10.00
N LEU A 31 11.38 33.96 10.86
CA LEU A 31 11.12 35.10 11.72
C LEU A 31 11.93 35.09 13.00
N ASP A 32 12.89 34.17 13.13
CA ASP A 32 13.76 34.11 14.31
C ASP A 32 14.98 34.98 14.04
N LYS A 33 15.10 36.08 14.79
CA LYS A 33 16.19 37.03 14.56
C LYS A 33 17.54 36.35 14.68
N ASN A 34 17.74 35.57 15.74
CA ASN A 34 19.03 34.93 15.98
C ASN A 34 19.30 33.76 15.04
N ALA A 35 18.28 33.27 14.33
CA ALA A 35 18.46 32.08 13.51
C ALA A 35 19.53 32.31 12.44
N ASP A 36 20.32 31.27 12.21
CA ASP A 36 21.38 31.32 11.20
C ASP A 36 20.82 31.82 9.87
N GLN A 37 21.53 32.76 9.25
CA GLN A 37 21.06 33.33 8.00
C GLN A 37 21.14 32.33 6.86
N ALA A 38 22.18 31.51 6.82
CA ALA A 38 22.30 30.51 5.77
C ALA A 38 21.16 29.49 5.83
N THR A 39 20.62 29.24 7.01
CA THR A 39 19.48 28.35 7.15
C THR A 39 18.22 29.01 6.61
N LYS A 40 17.96 30.26 7.00
CA LYS A 40 16.80 30.98 6.51
C LYS A 40 16.85 31.11 4.99
N ASP A 41 18.05 31.31 4.43
CA ASP A 41 18.18 31.40 2.97
C ASP A 41 17.80 30.09 2.30
N ASN A 42 18.17 28.96 2.90
CA ASN A 42 17.79 27.66 2.34
C ASN A 42 16.28 27.45 2.40
N LEU A 43 15.64 27.87 3.51
CA LEU A 43 14.19 27.76 3.61
C LEU A 43 13.51 28.64 2.57
N ARG A 44 14.03 29.84 2.34
CA ARG A 44 13.44 30.71 1.33
C ARG A 44 13.56 30.11 -0.06
N SER A 45 14.64 29.38 -0.32
CA SER A 45 14.74 28.64 -1.58
C SER A 45 13.79 27.46 -1.60
N TYR A 46 13.54 26.83 -0.45
CA TYR A 46 12.53 25.78 -0.37
C TYR A 46 11.15 26.34 -0.70
N PHE A 47 10.76 27.43 -0.04
CA PHE A 47 9.46 28.03 -0.32
C PHE A 47 9.42 28.64 -1.72
N ALA A 48 10.52 29.25 -2.17
CA ALA A 48 10.54 29.82 -3.52
C ALA A 48 10.23 28.76 -4.57
N ASP A 49 10.79 27.56 -4.42
CA ASP A 49 10.52 26.48 -5.36
C ASP A 49 9.04 26.09 -5.39
N LYS A 50 8.22 26.57 -4.44
CA LYS A 50 6.79 26.32 -4.44
C LYS A 50 5.99 27.57 -4.78
N GLY A 51 6.62 28.59 -5.38
CA GLY A 51 5.92 29.80 -5.75
C GLY A 51 5.74 30.81 -4.65
N LEU A 52 6.33 30.58 -3.49
CA LEU A 52 6.20 31.48 -2.34
C LEU A 52 7.53 32.22 -2.17
N HIS A 53 7.51 33.52 -2.45
CA HIS A 53 8.73 34.31 -2.55
C HIS A 53 8.94 35.23 -1.35
N SER A 54 7.98 36.11 -1.06
CA SER A 54 8.08 36.95 0.12
C SER A 54 7.53 36.21 1.33
N ILE A 55 8.00 36.64 2.51
CA ILE A 55 7.42 36.12 3.76
C ILE A 55 5.91 36.27 3.72
N LYS A 56 5.42 37.35 3.12
CA LYS A 56 3.98 37.58 3.00
C LYS A 56 3.31 36.47 2.21
N ASP A 57 3.92 36.06 1.09
CA ASP A 57 3.34 34.98 0.29
C ASP A 57 3.28 33.68 1.08
N ILE A 58 4.31 33.39 1.86
CA ILE A 58 4.35 32.14 2.63
C ILE A 58 3.25 32.14 3.68
N ILE A 59 3.18 33.20 4.48
CA ILE A 59 2.16 33.29 5.52
C ILE A 59 0.78 33.25 4.91
N ASN A 60 0.56 34.00 3.84
CA ASN A 60 -0.76 34.05 3.21
C ASN A 60 -1.16 32.70 2.63
N LYS A 61 -0.18 31.89 2.24
CA LYS A 61 -0.50 30.55 1.73
C LYS A 61 -0.88 29.62 2.86
N ALA A 62 -0.11 29.63 3.95
CA ALA A 62 -0.49 28.87 5.13
C ALA A 62 -1.87 29.27 5.62
N LYS A 63 -2.17 30.56 5.58
CA LYS A 63 -3.50 31.02 5.99
C LYS A 63 -4.55 30.52 5.01
N GLN A 64 -4.30 30.67 3.71
CA GLN A 64 -5.25 30.23 2.70
C GLN A 64 -5.61 28.76 2.86
N ASP A 65 -4.68 27.94 3.38
CA ASP A 65 -4.87 26.51 3.45
C ASP A 65 -5.35 26.04 4.82
N GLY A 66 -5.86 26.95 5.65
CA GLY A 66 -6.57 26.59 6.86
C GLY A 66 -5.81 26.72 8.16
N PHE A 67 -4.67 27.40 8.17
CA PHE A 67 -3.89 27.55 9.39
C PHE A 67 -4.03 28.96 9.95
N ASP A 68 -4.00 29.07 11.27
CA ASP A 68 -4.05 30.36 11.93
C ASP A 68 -2.66 31.00 11.91
N VAL A 69 -2.58 32.22 11.40
CA VAL A 69 -1.33 32.95 11.30
C VAL A 69 -1.39 34.10 12.30
N SER A 70 -0.46 34.09 13.26
CA SER A 70 -0.30 35.15 14.25
C SER A 70 1.20 35.37 14.41
N LYS A 71 1.82 35.85 13.33
CA LYS A 71 3.26 35.98 13.24
C LYS A 71 3.62 37.05 12.23
N CYS B 1 20.72 10.19 -19.21
CA CYS B 1 20.83 10.58 -17.80
C CYS B 1 22.22 10.29 -17.26
N PRO B 2 22.48 10.62 -15.97
CA PRO B 2 23.86 10.55 -15.45
C PRO B 2 24.64 9.33 -15.90
N GLU B 3 25.72 9.60 -16.63
CA GLU B 3 26.67 8.59 -17.09
C GLU B 3 26.96 7.60 -15.97
N GLN B 4 27.06 8.12 -14.74
CA GLN B 4 27.23 7.29 -13.56
C GLN B 4 26.54 8.00 -12.40
N ASP B 5 25.97 7.22 -11.49
CA ASP B 5 25.25 7.75 -10.34
C ASP B 5 25.48 6.81 -9.16
N LYS B 6 24.90 7.18 -8.02
CA LYS B 6 25.06 6.41 -6.79
C LYS B 6 23.73 6.06 -6.14
N TYR B 7 22.80 7.00 -6.08
CA TYR B 7 21.49 6.78 -5.49
C TYR B 7 20.42 6.79 -6.57
N ARG B 8 19.34 6.07 -6.32
CA ARG B 8 18.21 6.05 -7.23
C ARG B 8 17.48 7.39 -7.21
N THR B 9 16.84 7.70 -8.32
CA THR B 9 15.97 8.85 -8.38
C THR B 9 14.69 8.59 -7.60
N ILE B 10 14.03 9.68 -7.20
CA ILE B 10 12.76 9.57 -6.49
C ILE B 10 11.69 8.96 -7.39
N THR B 11 11.61 9.42 -8.64
CA THR B 11 10.59 8.96 -9.56
C THR B 11 10.89 7.59 -10.16
N GLY B 12 12.07 7.03 -9.91
CA GLY B 12 12.50 5.81 -10.57
C GLY B 12 13.05 6.02 -11.96
N MET B 13 13.16 7.26 -12.43
CA MET B 13 13.71 7.54 -13.74
C MET B 13 15.11 6.94 -13.88
N CYS B 14 15.40 6.44 -15.07
CA CYS B 14 16.74 6.01 -15.46
C CYS B 14 17.35 4.99 -14.50
N ASN B 15 16.49 4.15 -13.91
CA ASN B 15 16.99 2.91 -13.35
C ASN B 15 17.49 1.99 -14.45
N ASN B 16 16.75 1.89 -15.54
CA ASN B 16 17.19 1.19 -16.74
C ASN B 16 17.72 2.23 -17.72
N ARG B 17 19.02 2.21 -17.96
CA ARG B 17 19.65 3.25 -18.77
C ARG B 17 19.28 3.14 -20.24
N ARG B 18 18.90 1.96 -20.72
CA ARG B 18 18.49 1.82 -22.12
C ARG B 18 17.06 2.29 -22.34
N SER B 19 16.22 2.21 -21.30
CA SER B 19 14.85 2.73 -21.36
C SER B 19 14.59 3.42 -20.04
N PRO B 20 14.88 4.71 -19.94
CA PRO B 20 14.89 5.37 -18.62
C PRO B 20 13.52 5.52 -17.96
N THR B 21 12.43 5.24 -18.66
CA THR B 21 11.11 5.37 -18.06
C THR B 21 10.60 4.07 -17.44
N LEU B 22 11.29 2.95 -17.64
CA LEU B 22 10.82 1.69 -17.09
C LEU B 22 10.82 1.73 -15.58
N GLY B 23 9.69 1.37 -14.98
CA GLY B 23 9.53 1.40 -13.54
C GLY B 23 9.31 2.77 -12.95
N ALA B 24 9.41 3.83 -13.75
CA ALA B 24 9.25 5.18 -13.25
C ALA B 24 7.78 5.47 -12.96
N SER B 25 7.56 6.38 -12.01
CA SER B 25 6.21 6.68 -11.55
C SER B 25 5.41 7.43 -12.62
N ASN B 26 4.09 7.33 -12.51
CA ASN B 26 3.15 8.05 -13.37
C ASN B 26 3.22 7.56 -14.83
N ARG B 27 3.46 6.28 -15.02
CA ARG B 27 3.42 5.66 -16.34
C ARG B 27 2.34 4.59 -16.35
N ALA B 28 1.87 4.28 -17.55
CA ALA B 28 0.86 3.25 -17.72
C ALA B 28 1.38 1.90 -17.22
N PHE B 29 0.47 1.09 -16.70
CA PHE B 29 0.82 -0.29 -16.34
C PHE B 29 1.23 -1.04 -17.61
N VAL B 30 2.11 -2.02 -17.43
CA VAL B 30 2.40 -2.96 -18.51
C VAL B 30 1.34 -4.04 -18.49
N ARG B 31 1.00 -4.54 -19.68
CA ARG B 31 -0.04 -5.56 -19.81
C ARG B 31 0.62 -6.88 -20.21
N TRP B 32 0.55 -7.85 -19.29
CA TRP B 32 0.99 -9.21 -19.61
C TRP B 32 0.02 -9.92 -20.54
N LEU B 33 -1.21 -9.41 -20.67
CA LEU B 33 -2.17 -9.92 -21.62
C LEU B 33 -2.97 -8.74 -22.15
N PRO B 34 -3.38 -8.78 -23.42
CA PRO B 34 -4.18 -7.67 -23.96
C PRO B 34 -5.44 -7.45 -23.14
N ALA B 35 -5.85 -6.18 -23.06
CA ALA B 35 -7.03 -5.82 -22.30
C ALA B 35 -8.28 -6.41 -22.95
N GLU B 36 -9.26 -6.71 -22.11
CA GLU B 36 -10.54 -7.24 -22.56
C GLU B 36 -11.63 -6.30 -22.06
N TYR B 37 -12.16 -5.49 -22.97
CA TYR B 37 -13.22 -4.53 -22.67
C TYR B 37 -14.49 -4.93 -23.42
N GLU B 38 -15.61 -4.40 -22.92
CA GLU B 38 -16.90 -4.70 -23.54
C GLU B 38 -16.91 -4.29 -25.01
N ASP B 39 -16.53 -3.05 -25.31
CA ASP B 39 -16.50 -2.56 -26.69
C ASP B 39 -15.10 -2.66 -27.31
N GLY B 40 -14.14 -3.26 -26.61
CA GLY B 40 -12.84 -3.53 -27.18
C GLY B 40 -11.76 -2.52 -26.85
N PHE B 41 -12.10 -1.36 -26.28
CA PHE B 41 -11.06 -0.36 -26.03
C PHE B 41 -11.24 0.46 -24.76
N SER B 42 -12.41 0.44 -24.12
CA SER B 42 -12.58 1.26 -22.92
C SER B 42 -13.70 0.81 -21.98
N LEU B 43 -14.85 0.44 -22.53
CA LEU B 43 -16.00 0.15 -21.69
C LEU B 43 -15.78 -1.15 -20.91
N PRO B 44 -16.00 -1.16 -19.59
CA PRO B 44 -15.83 -2.40 -18.84
C PRO B 44 -17.00 -3.35 -19.01
N TYR B 45 -16.70 -4.64 -18.93
CA TYR B 45 -17.76 -5.64 -18.95
C TYR B 45 -18.73 -5.40 -17.81
N GLY B 46 -20.03 -5.57 -18.10
CA GLY B 46 -21.07 -5.20 -17.18
C GLY B 46 -21.56 -3.77 -17.33
N TRP B 47 -20.96 -3.00 -18.22
CA TRP B 47 -21.36 -1.60 -18.41
C TRP B 47 -22.71 -1.51 -19.12
N THR B 48 -22.86 -2.21 -20.25
CA THR B 48 -24.10 -2.14 -21.03
C THR B 48 -24.98 -3.35 -20.73
N PRO B 49 -26.25 -3.17 -20.35
CA PRO B 49 -27.11 -4.34 -20.08
C PRO B 49 -27.27 -5.21 -21.32
N GLY B 50 -27.44 -6.52 -21.07
CA GLY B 50 -27.67 -7.47 -22.12
C GLY B 50 -26.46 -7.80 -22.97
N VAL B 51 -25.30 -7.19 -22.70
CA VAL B 51 -24.09 -7.47 -23.45
C VAL B 51 -23.29 -8.52 -22.66
N LYS B 52 -23.23 -9.72 -23.21
CA LYS B 52 -22.63 -10.84 -22.50
C LYS B 52 -21.12 -10.84 -22.68
N ARG B 53 -20.45 -11.65 -21.85
CA ARG B 53 -19.01 -11.89 -21.94
C ARG B 53 -18.81 -13.38 -22.15
N ASN B 54 -18.39 -13.77 -23.35
CA ASN B 54 -18.16 -15.17 -23.70
C ASN B 54 -19.46 -15.99 -23.63
N GLY B 55 -20.55 -15.36 -24.05
CA GLY B 55 -21.83 -16.03 -24.12
C GLY B 55 -22.61 -16.10 -22.81
N PHE B 56 -22.18 -15.40 -21.77
CA PHE B 56 -22.86 -15.43 -20.48
C PHE B 56 -23.04 -14.01 -19.94
N PRO B 57 -24.17 -13.73 -19.28
CA PRO B 57 -24.31 -12.42 -18.63
C PRO B 57 -23.20 -12.16 -17.62
N VAL B 58 -22.89 -10.88 -17.45
CA VAL B 58 -21.87 -10.48 -16.48
C VAL B 58 -22.51 -10.50 -15.09
N ALA B 59 -21.80 -11.10 -14.14
CA ALA B 59 -22.32 -11.22 -12.78
C ALA B 59 -22.01 -9.95 -11.98
N LEU B 60 -23.03 -9.46 -11.28
CA LEU B 60 -22.84 -8.33 -10.38
C LEU B 60 -21.79 -8.66 -9.33
N ALA B 61 -20.76 -7.82 -9.26
CA ALA B 61 -19.71 -8.02 -8.26
C ALA B 61 -20.29 -8.17 -6.87
N ARG B 62 -21.30 -7.36 -6.53
CA ARG B 62 -21.92 -7.45 -5.22
C ARG B 62 -22.62 -8.80 -5.02
N ALA B 63 -23.19 -9.36 -6.09
CA ALA B 63 -23.82 -10.68 -5.97
C ALA B 63 -22.79 -11.76 -5.75
N VAL B 64 -21.72 -11.77 -6.56
CA VAL B 64 -20.63 -12.73 -6.35
C VAL B 64 -20.14 -12.64 -4.92
N SER B 65 -19.95 -11.43 -4.41
CA SER B 65 -19.50 -11.27 -3.03
C SER B 65 -20.51 -11.84 -2.04
N ASN B 66 -21.80 -11.58 -2.27
CA ASN B 66 -22.82 -12.07 -1.35
C ASN B 66 -22.86 -13.60 -1.33
N GLU B 67 -22.72 -14.23 -2.50
CA GLU B 67 -22.94 -15.67 -2.61
C GLU B 67 -21.68 -16.50 -2.45
N ILE B 68 -20.50 -15.90 -2.58
CA ILE B 68 -19.23 -16.61 -2.57
C ILE B 68 -18.35 -16.21 -1.39
N VAL B 69 -18.23 -14.90 -1.15
CA VAL B 69 -17.26 -14.39 -0.19
C VAL B 69 -17.84 -14.31 1.22
N ARG B 70 -19.15 -14.09 1.35
CA ARG B 70 -19.77 -13.90 2.64
C ARG B 70 -19.74 -15.19 3.46
N PHE B 71 -19.45 -15.05 4.75
CA PHE B 71 -19.44 -16.17 5.68
C PHE B 71 -19.63 -15.62 7.09
N PRO B 72 -20.00 -16.47 8.05
CA PRO B 72 -20.21 -15.98 9.43
C PRO B 72 -18.91 -15.57 10.08
N THR B 73 -18.84 -14.31 10.51
CA THR B 73 -17.59 -13.76 11.06
C THR B 73 -17.08 -14.59 12.22
N ASP B 74 -17.98 -14.96 13.15
CA ASP B 74 -17.53 -15.61 14.38
C ASP B 74 -16.90 -16.97 14.13
N GLN B 75 -17.18 -17.59 13.00
CA GLN B 75 -16.60 -18.89 12.68
C GLN B 75 -15.21 -18.77 12.04
N LEU B 76 -14.64 -17.57 12.03
CA LEU B 76 -13.33 -17.32 11.44
C LEU B 76 -12.30 -18.34 11.91
N THR B 77 -11.46 -18.80 10.98
CA THR B 77 -10.43 -19.78 11.28
C THR B 77 -9.09 -19.07 11.46
N PRO B 78 -8.50 -19.05 12.65
CA PRO B 78 -7.17 -18.44 12.79
C PRO B 78 -6.09 -19.24 12.09
N ASP B 79 -5.09 -18.53 11.57
CA ASP B 79 -3.94 -19.15 10.93
C ASP B 79 -2.90 -19.50 11.99
N GLN B 80 -2.63 -20.79 12.14
CA GLN B 80 -1.71 -21.24 13.18
C GLN B 80 -0.26 -20.90 12.88
N GLU B 81 0.04 -20.41 11.67
CA GLU B 81 1.43 -20.20 11.29
C GLU B 81 1.67 -18.84 10.62
N ARG B 82 0.75 -17.89 10.75
CA ARG B 82 0.93 -16.56 10.19
C ARG B 82 0.44 -15.52 11.18
N SER B 83 1.30 -14.57 11.51
CA SER B 83 0.91 -13.44 12.33
C SER B 83 0.12 -12.43 11.50
N LEU B 84 -0.58 -11.54 12.20
CA LEU B 84 -1.26 -10.45 11.52
C LEU B 84 -0.26 -9.47 10.92
N MET B 85 0.99 -9.49 11.39
CA MET B 85 2.03 -8.73 10.72
C MET B 85 2.25 -9.22 9.29
N PHE B 86 1.98 -10.51 9.04
CA PHE B 86 2.10 -11.04 7.69
C PHE B 86 1.16 -10.34 6.73
N MET B 87 -0.10 -10.12 7.16
CA MET B 87 -1.04 -9.36 6.36
C MET B 87 -0.59 -7.92 6.20
N GLN B 88 -0.17 -7.29 7.29
CA GLN B 88 0.09 -5.85 7.26
C GLN B 88 1.29 -5.53 6.38
N TRP B 89 2.35 -6.33 6.44
CA TRP B 89 3.49 -6.11 5.56
C TRP B 89 3.09 -6.22 4.10
N GLY B 90 2.14 -7.11 3.79
CA GLY B 90 1.66 -7.20 2.42
C GLY B 90 1.01 -5.92 1.93
N GLN B 91 0.24 -5.26 2.81
CA GLN B 91 -0.36 -3.98 2.45
C GLN B 91 0.70 -2.90 2.29
N LEU B 92 1.61 -2.77 3.27
CA LEU B 92 2.64 -1.76 3.19
C LEU B 92 3.51 -1.97 1.96
N LEU B 93 3.89 -3.22 1.69
CA LEU B 93 4.67 -3.53 0.49
C LEU B 93 3.92 -3.10 -0.76
N ASP B 94 2.64 -3.46 -0.85
CA ASP B 94 1.84 -3.09 -2.02
C ASP B 94 1.84 -1.59 -2.24
N HIS B 95 1.86 -0.82 -1.16
CA HIS B 95 1.89 0.63 -1.27
C HIS B 95 3.25 1.15 -1.69
N ASP B 96 4.23 0.27 -1.80
CA ASP B 96 5.51 0.59 -2.43
C ASP B 96 5.46 0.41 -3.94
N LEU B 97 4.49 -0.35 -4.45
CA LEU B 97 4.51 -0.86 -5.82
C LEU B 97 3.50 -0.19 -6.74
N ASP B 98 2.25 -0.05 -6.31
CA ASP B 98 1.20 0.40 -7.21
C ASP B 98 0.17 1.27 -6.50
N PHE B 99 -0.21 2.36 -7.16
CA PHE B 99 -1.33 3.19 -6.77
C PHE B 99 -1.99 3.68 -8.04
N THR B 100 -3.26 3.33 -8.23
CA THR B 100 -3.97 3.68 -9.45
C THR B 100 -4.80 4.92 -9.20
N PRO B 101 -4.43 6.08 -9.75
CA PRO B 101 -5.19 7.29 -9.46
C PRO B 101 -6.59 7.24 -10.05
N GLU B 102 -7.51 7.89 -9.35
CA GLU B 102 -8.89 8.05 -9.77
C GLU B 102 -9.23 9.52 -9.84
N PRO B 103 -10.23 9.90 -10.64
CA PRO B 103 -10.64 11.31 -10.67
C PRO B 103 -11.22 11.75 -9.33
N ALA B 104 -10.86 12.96 -8.92
CA ALA B 104 -11.39 13.50 -7.69
C ALA B 104 -12.88 13.79 -7.83
N ALA B 105 -13.59 13.66 -6.71
CA ALA B 105 -15.04 13.88 -6.73
C ALA B 105 -15.38 15.29 -7.20
N ARG B 106 -14.57 16.29 -6.83
CA ARG B 106 -14.91 17.67 -7.14
C ARG B 106 -14.88 17.97 -8.63
N ALA B 107 -14.32 17.09 -9.46
CA ALA B 107 -14.36 17.30 -10.90
C ALA B 107 -15.77 17.18 -11.46
N SER B 108 -16.73 16.72 -10.67
CA SER B 108 -18.12 16.56 -11.12
C SER B 108 -18.93 17.82 -10.94
N PHE B 109 -18.32 18.94 -10.59
CA PHE B 109 -19.04 20.18 -10.34
C PHE B 109 -19.78 20.63 -11.59
N VAL B 110 -19.03 21.00 -12.63
CA VAL B 110 -19.63 21.50 -13.87
C VAL B 110 -19.54 20.40 -14.92
N THR B 111 -19.55 19.15 -14.48
CA THR B 111 -19.40 18.04 -15.40
C THR B 111 -19.94 16.77 -14.75
N GLY B 112 -20.42 15.86 -15.59
CA GLY B 112 -20.87 14.55 -15.14
C GLY B 112 -21.64 14.55 -13.84
N VAL B 113 -21.64 13.41 -13.15
CA VAL B 113 -22.36 13.25 -11.90
C VAL B 113 -21.35 12.96 -10.80
N ASN B 114 -21.80 13.11 -9.56
CA ASN B 114 -20.98 12.84 -8.38
C ASN B 114 -21.10 11.37 -8.04
N CYS B 115 -20.05 10.60 -8.34
CA CYS B 115 -20.10 9.16 -8.08
C CYS B 115 -20.22 8.83 -6.59
N GLU B 116 -19.90 9.79 -5.72
CA GLU B 116 -20.10 9.57 -4.28
C GLU B 116 -21.58 9.48 -3.94
N THR B 117 -22.41 10.25 -4.64
CA THR B 117 -23.81 10.44 -4.31
C THR B 117 -24.75 9.74 -5.28
N SER B 118 -24.52 9.89 -6.58
CA SER B 118 -25.44 9.40 -7.59
C SER B 118 -25.16 7.94 -7.92
N CYS B 119 -26.20 7.25 -8.36
CA CYS B 119 -26.08 5.90 -8.88
C CYS B 119 -26.27 5.86 -10.40
N VAL B 120 -26.20 7.02 -11.05
CA VAL B 120 -26.24 7.08 -12.50
C VAL B 120 -24.92 6.58 -13.05
N GLN B 121 -25.00 5.63 -13.99
CA GLN B 121 -23.80 5.12 -14.63
C GLN B 121 -23.41 6.08 -15.74
N GLN B 122 -22.46 6.97 -15.44
CA GLN B 122 -22.01 8.00 -16.34
C GLN B 122 -20.54 8.27 -16.04
N PRO B 123 -19.73 8.60 -17.05
CA PRO B 123 -18.31 8.88 -16.79
C PRO B 123 -18.15 9.96 -15.73
N PRO B 124 -17.21 9.79 -14.78
CA PRO B 124 -16.28 8.67 -14.59
C PRO B 124 -16.80 7.59 -13.63
N CYS B 125 -18.11 7.51 -13.43
CA CYS B 125 -18.68 6.60 -12.45
C CYS B 125 -18.93 5.23 -13.08
N PHE B 126 -18.84 4.20 -12.26
CA PHE B 126 -19.15 2.83 -12.64
C PHE B 126 -19.73 2.13 -11.42
N PRO B 127 -20.89 2.58 -10.92
CA PRO B 127 -21.38 2.09 -9.63
C PRO B 127 -21.78 0.62 -9.69
N LEU B 128 -21.64 -0.05 -8.55
CA LEU B 128 -22.04 -1.44 -8.42
C LEU B 128 -23.54 -1.52 -8.15
N LYS B 129 -24.27 -2.19 -9.02
CA LYS B 129 -25.71 -2.36 -8.81
C LYS B 129 -25.96 -3.36 -7.68
N ILE B 130 -27.09 -3.18 -7.00
CA ILE B 130 -27.44 -3.98 -5.84
C ILE B 130 -28.31 -5.15 -6.31
N PRO B 131 -27.92 -6.39 -6.04
CA PRO B 131 -28.74 -7.52 -6.49
C PRO B 131 -30.02 -7.61 -5.67
N PRO B 132 -30.97 -8.42 -6.11
CA PRO B 132 -32.19 -8.61 -5.31
C PRO B 132 -31.88 -9.37 -4.03
N ASN B 133 -32.70 -9.12 -3.01
CA ASN B 133 -32.57 -9.80 -1.72
C ASN B 133 -31.14 -9.72 -1.22
N ASP B 134 -30.61 -8.51 -1.20
CA ASP B 134 -29.28 -8.25 -0.66
C ASP B 134 -29.34 -8.23 0.86
N PRO B 135 -28.37 -8.81 1.56
CA PRO B 135 -28.44 -8.88 3.03
C PRO B 135 -28.32 -7.54 3.73
N ARG B 136 -27.77 -6.50 3.07
CA ARG B 136 -27.53 -5.21 3.71
C ARG B 136 -28.21 -4.05 2.98
N ILE B 137 -28.12 -4.01 1.66
CA ILE B 137 -28.65 -2.88 0.89
C ILE B 137 -29.95 -3.36 0.25
N LYS B 138 -31.06 -3.15 0.96
CA LYS B 138 -32.36 -3.67 0.52
C LYS B 138 -33.06 -2.78 -0.48
N ASN B 139 -32.44 -1.68 -0.90
CA ASN B 139 -32.97 -0.79 -1.92
C ASN B 139 -32.16 -0.98 -3.20
N GLN B 140 -32.80 -1.57 -4.23
CA GLN B 140 -32.09 -1.88 -5.46
C GLN B 140 -31.81 -0.63 -6.30
N ALA B 141 -32.47 0.49 -6.00
CA ALA B 141 -32.14 1.75 -6.63
C ALA B 141 -30.86 2.37 -6.06
N ASP B 142 -30.32 1.80 -4.99
CA ASP B 142 -29.09 2.28 -4.38
C ASP B 142 -27.90 1.71 -5.18
N CYS B 143 -26.70 1.82 -4.63
CA CYS B 143 -25.51 1.30 -5.29
C CYS B 143 -24.33 1.50 -4.35
N ILE B 144 -23.22 0.85 -4.68
CA ILE B 144 -21.95 1.07 -3.99
C ILE B 144 -21.11 1.98 -4.87
N PRO B 145 -20.68 3.16 -4.37
CA PRO B 145 -19.95 4.09 -5.23
C PRO B 145 -18.67 3.47 -5.79
N PHE B 146 -18.29 3.93 -6.99
CA PHE B 146 -17.08 3.45 -7.66
C PHE B 146 -16.67 4.46 -8.71
N PHE B 147 -15.43 4.95 -8.62
CA PHE B 147 -14.84 5.81 -9.63
C PHE B 147 -13.96 4.97 -10.55
N ARG B 148 -14.12 5.14 -11.86
CA ARG B 148 -13.21 4.52 -12.80
C ARG B 148 -11.82 5.13 -12.65
N SER B 149 -10.80 4.27 -12.69
CA SER B 149 -9.41 4.71 -12.66
C SER B 149 -9.11 5.59 -13.86
N CSO B 150 -8.29 6.63 -13.66
CA CSO B 150 -7.95 7.54 -14.77
CB CSO B 150 -7.04 8.68 -14.33
SG CSO B 150 -7.70 9.60 -12.94
C CSO B 150 -7.29 6.79 -15.92
O CSO B 150 -6.45 5.92 -15.70
OD CSO B 150 -8.08 11.26 -13.44
N PRO B 151 -7.66 7.13 -17.17
CA PRO B 151 -7.03 6.50 -18.34
C PRO B 151 -5.60 7.02 -18.57
N ALA B 152 -4.72 6.14 -19.04
CA ALA B 152 -3.33 6.52 -19.27
C ALA B 152 -3.21 7.56 -20.37
N CYS B 153 -4.02 7.44 -21.42
CA CYS B 153 -4.07 8.43 -22.49
C CYS B 153 -5.38 9.20 -22.37
N PRO B 154 -5.40 10.36 -21.71
CA PRO B 154 -6.64 11.12 -21.57
C PRO B 154 -7.40 11.26 -22.88
N GLY B 155 -8.72 11.11 -22.82
CA GLY B 155 -9.56 11.14 -24.00
C GLY B 155 -9.13 10.13 -25.05
N SER B 156 -8.46 10.61 -26.09
CA SER B 156 -7.78 9.76 -27.07
C SER B 156 -8.75 9.19 -28.11
N ASN B 157 -8.21 8.69 -29.21
CA ASN B 157 -8.96 8.13 -30.31
C ASN B 157 -8.43 6.74 -30.60
N ILE B 158 -9.27 5.71 -30.43
CA ILE B 158 -8.88 4.33 -30.65
C ILE B 158 -7.54 4.07 -29.98
N THR B 159 -7.53 4.10 -28.65
CA THR B 159 -6.35 3.76 -27.87
C THR B 159 -6.84 2.86 -26.73
N ILE B 160 -6.44 1.59 -26.76
CA ILE B 160 -6.89 0.64 -25.76
C ILE B 160 -6.65 1.25 -24.38
N ARG B 161 -7.74 1.46 -23.64
CA ARG B 161 -7.65 2.11 -22.34
C ARG B 161 -6.68 1.37 -21.44
N ASN B 162 -5.84 2.12 -20.74
CA ASN B 162 -4.93 1.56 -19.76
C ASN B 162 -4.89 2.51 -18.56
N GLN B 163 -4.29 2.05 -17.48
CA GLN B 163 -4.28 2.79 -16.23
C GLN B 163 -2.85 3.12 -15.81
N ILE B 164 -2.75 4.09 -14.89
CA ILE B 164 -1.47 4.70 -14.52
C ILE B 164 -1.06 4.20 -13.15
N ASN B 165 0.24 3.94 -12.99
CA ASN B 165 0.84 3.64 -11.71
C ASN B 165 1.55 4.89 -11.21
N ALA B 166 1.00 5.52 -10.16
CA ALA B 166 1.56 6.76 -9.65
C ALA B 166 2.82 6.54 -8.82
N LEU B 167 3.24 5.29 -8.61
CA LEU B 167 4.39 4.98 -7.77
C LEU B 167 5.52 4.37 -8.59
N THR B 168 6.69 4.28 -7.97
CA THR B 168 7.82 3.60 -8.59
C THR B 168 7.65 2.10 -8.38
N SER B 169 7.64 1.34 -9.48
CA SER B 169 7.42 -0.10 -9.39
C SER B 169 8.49 -0.77 -8.53
N PHE B 170 9.68 -0.20 -8.49
CA PHE B 170 10.77 -0.83 -7.75
C PHE B 170 10.45 -0.91 -6.26
N VAL B 171 11.01 -1.93 -5.61
CA VAL B 171 10.91 -2.04 -4.16
C VAL B 171 11.95 -1.11 -3.57
N ASP B 172 11.62 0.19 -3.51
CA ASP B 172 12.58 1.23 -3.14
C ASP B 172 12.11 2.05 -1.95
N ALA B 173 11.18 1.51 -1.15
CA ALA B 173 10.67 2.21 0.03
C ALA B 173 10.03 3.55 -0.33
N SER B 174 9.43 3.63 -1.53
CA SER B 174 8.76 4.87 -1.94
C SER B 174 7.49 5.15 -1.12
N MET B 175 7.00 4.19 -0.34
CA MET B 175 5.92 4.49 0.58
C MET B 175 6.38 5.30 1.78
N VAL B 176 7.69 5.49 1.93
CA VAL B 176 8.25 6.37 2.95
C VAL B 176 8.71 7.69 2.36
N TYR B 177 9.39 7.66 1.21
CA TYR B 177 10.04 8.85 0.67
C TYR B 177 9.26 9.52 -0.45
N GLY B 178 8.25 8.85 -1.01
CA GLY B 178 7.47 9.39 -2.09
C GLY B 178 7.96 8.91 -3.45
N SER B 179 7.15 9.21 -4.46
CA SER B 179 7.47 8.87 -5.85
C SER B 179 7.55 10.10 -6.74
N GLU B 180 7.61 11.30 -6.17
CA GLU B 180 7.74 12.53 -6.94
C GLU B 180 8.56 13.54 -6.15
N GLU B 181 9.33 14.36 -6.87
CA GLU B 181 10.26 15.29 -6.22
C GLU B 181 9.58 16.27 -5.28
N PRO B 182 8.44 16.88 -5.60
CA PRO B 182 7.82 17.81 -4.63
C PRO B 182 7.40 17.13 -3.33
N LEU B 183 6.64 16.03 -3.40
CA LEU B 183 6.26 15.31 -2.20
C LEU B 183 7.48 14.84 -1.42
N ALA B 184 8.49 14.32 -2.13
CA ALA B 184 9.69 13.84 -1.45
C ALA B 184 10.32 14.93 -0.58
N ARG B 185 10.41 16.16 -1.10
CA ARG B 185 10.96 17.27 -0.32
C ARG B 185 9.99 17.71 0.77
N ASN B 186 8.69 17.72 0.48
CA ASN B 186 7.71 18.02 1.52
C ASN B 186 7.85 17.06 2.69
N LEU B 187 8.20 15.81 2.43
CA LEU B 187 8.37 14.81 3.49
C LEU B 187 9.66 14.98 4.26
N ARG B 188 10.58 15.82 3.77
CA ARG B 188 11.89 15.93 4.37
C ARG B 188 11.95 17.10 5.33
N ASN B 189 12.86 17.14 6.37
CA ASN B 189 12.98 18.17 7.38
C ASN B 189 14.05 19.01 6.80
N MET B 190 13.75 20.25 6.23
CA MET B 190 14.57 21.18 5.46
C MET B 190 15.01 22.39 6.29
N SER B 191 15.03 22.25 7.61
CA SER B 191 15.47 23.32 8.50
C SER B 191 16.89 23.10 9.02
N ASN B 192 17.57 22.04 8.59
CA ASN B 192 18.94 21.79 9.04
C ASN B 192 19.58 20.81 8.07
N GLN B 193 20.82 20.42 8.38
CA GLN B 193 21.63 19.56 7.53
C GLN B 193 21.78 18.16 8.12
N LEU B 194 20.71 17.64 8.71
CA LEU B 194 20.73 16.31 9.34
C LEU B 194 20.12 15.22 8.47
N GLY B 195 19.46 15.58 7.37
CA GLY B 195 18.90 14.59 6.47
C GLY B 195 17.73 13.81 7.03
N LEU B 196 17.00 14.38 7.98
CA LEU B 196 15.87 13.72 8.62
C LEU B 196 14.61 13.90 7.78
N LEU B 197 13.63 13.04 8.04
CA LEU B 197 12.30 13.24 7.52
C LEU B 197 11.50 14.12 8.48
N ALA B 198 10.58 14.90 7.91
CA ALA B 198 9.74 15.75 8.74
C ALA B 198 8.88 14.91 9.68
N VAL B 199 8.80 15.35 10.94
CA VAL B 199 8.01 14.66 11.95
C VAL B 199 6.91 15.60 12.42
N ASN B 200 5.95 15.03 13.15
CA ASN B 200 4.85 15.80 13.70
C ASN B 200 5.38 16.84 14.68
N GLN B 201 4.77 18.04 14.63
CA GLN B 201 5.19 19.15 15.49
C GLN B 201 4.25 19.37 16.66
N ARG B 202 3.09 18.72 16.68
CA ARG B 202 2.11 18.90 17.75
C ARG B 202 2.02 17.73 18.70
N PHE B 203 2.45 16.54 18.30
CA PHE B 203 2.24 15.34 19.09
C PHE B 203 3.44 14.42 18.99
N GLN B 204 3.71 13.71 20.09
CA GLN B 204 4.71 12.66 20.12
C GLN B 204 4.07 11.39 20.66
N ASP B 205 4.83 10.29 20.59
CA ASP B 205 4.40 8.96 21.03
C ASP B 205 5.39 8.50 22.08
N ASN B 206 5.13 8.84 23.34
CA ASN B 206 6.03 8.55 24.45
C ASN B 206 7.46 8.98 24.11
N GLY B 207 7.58 10.25 23.73
CA GLY B 207 8.87 10.83 23.40
C GLY B 207 9.41 10.46 22.03
N ARG B 208 8.70 9.64 21.27
CA ARG B 208 9.16 9.21 19.96
C ARG B 208 8.34 9.88 18.87
N ALA B 209 8.91 9.92 17.67
CA ALA B 209 8.35 10.69 16.58
C ALA B 209 7.08 10.07 16.04
N LEU B 210 6.17 10.94 15.60
CA LEU B 210 4.98 10.56 14.86
C LEU B 210 5.03 11.17 13.48
N LEU B 211 4.32 10.55 12.54
CA LEU B 211 4.24 11.09 11.20
C LEU B 211 3.70 12.51 11.25
N PRO B 212 4.16 13.40 10.37
CA PRO B 212 3.54 14.73 10.29
C PRO B 212 2.10 14.63 9.84
N PHE B 213 1.35 15.70 10.06
CA PHE B 213 -0.03 15.75 9.60
C PHE B 213 -0.08 16.20 8.15
N ASP B 214 -0.90 15.51 7.36
CA ASP B 214 -1.23 16.00 6.04
C ASP B 214 -2.35 17.04 6.14
N ASN B 215 -2.48 17.84 5.11
CA ASN B 215 -3.50 18.88 5.05
C ASN B 215 -4.52 18.53 3.97
N LEU B 216 -5.70 18.11 4.40
CA LEU B 216 -6.80 17.76 3.51
C LEU B 216 -8.02 18.57 3.94
N HIS B 217 -8.51 19.44 3.05
CA HIS B 217 -9.65 20.29 3.41
C HIS B 217 -10.84 19.45 3.84
N ASP B 218 -11.10 18.35 3.13
CA ASP B 218 -12.11 17.38 3.53
C ASP B 218 -11.40 16.15 4.08
N ASP B 219 -10.81 16.32 5.25
CA ASP B 219 -9.99 15.26 5.84
C ASP B 219 -10.87 14.12 6.34
N PRO B 220 -10.72 12.89 5.82
CA PRO B 220 -11.57 11.80 6.31
C PRO B 220 -11.29 11.42 7.75
N CYS B 221 -10.06 11.62 8.23
CA CYS B 221 -9.71 11.18 9.58
C CYS B 221 -10.42 12.00 10.63
N LEU B 222 -10.71 13.27 10.35
CA LEU B 222 -11.44 14.09 11.30
C LEU B 222 -12.86 13.60 11.52
N LEU B 223 -13.42 12.87 10.55
CA LEU B 223 -14.78 12.36 10.68
C LEU B 223 -14.87 11.17 11.62
N THR B 224 -13.78 10.41 11.77
CA THR B 224 -13.82 9.22 12.63
C THR B 224 -13.99 9.59 14.10
N ASN B 225 -13.67 10.79 14.59
CA ASN B 225 -13.94 11.17 16.00
C ASN B 225 -13.91 12.69 15.99
N ARG B 226 -15.07 13.40 15.82
CA ARG B 226 -15.19 14.84 15.60
C ARG B 226 -14.60 15.65 16.74
N SER B 227 -14.65 15.14 17.97
CA SER B 227 -14.11 15.88 19.10
C SER B 227 -12.59 15.82 19.16
N ALA B 228 -11.97 14.79 18.59
CA ALA B 228 -10.51 14.66 18.65
C ALA B 228 -9.82 15.57 17.66
N ARG B 229 -10.41 15.77 16.49
CA ARG B 229 -9.86 16.67 15.47
C ARG B 229 -8.42 16.29 15.12
N ILE B 230 -8.17 15.00 14.95
CA ILE B 230 -6.87 14.49 14.55
C ILE B 230 -6.94 14.17 13.06
N PRO B 231 -6.25 14.93 12.20
CA PRO B 231 -6.33 14.68 10.76
C PRO B 231 -5.44 13.51 10.36
N CYS B 232 -5.47 13.20 9.07
CA CYS B 232 -4.68 12.09 8.54
C CYS B 232 -3.20 12.46 8.53
N PHE B 233 -2.37 11.44 8.33
CA PHE B 233 -0.92 11.58 8.34
C PHE B 233 -0.38 11.76 6.92
N LEU B 234 0.88 12.18 6.86
CA LEU B 234 1.58 12.41 5.60
C LEU B 234 2.75 11.44 5.51
N ALA B 235 2.83 10.71 4.40
CA ALA B 235 3.90 9.75 4.20
C ALA B 235 4.15 9.62 2.70
N GLY B 236 5.14 8.78 2.36
CA GLY B 236 5.48 8.57 0.95
C GLY B 236 4.33 8.08 0.12
N ASP B 237 3.45 7.27 0.71
CA ASP B 237 2.22 6.83 0.09
C ASP B 237 1.04 7.51 0.78
N THR B 238 0.04 7.91 -0.01
CA THR B 238 -1.05 8.74 0.47
C THR B 238 -2.09 7.95 1.28
N ARG B 239 -2.01 6.63 1.31
CA ARG B 239 -2.97 5.81 2.03
C ARG B 239 -2.50 5.50 3.45
N SER B 240 -1.50 6.22 3.97
CA SER B 240 -0.89 5.87 5.24
C SER B 240 -1.89 5.78 6.38
N SER B 241 -2.99 6.53 6.30
CA SER B 241 -3.94 6.60 7.40
C SER B 241 -5.11 5.63 7.26
N GLU B 242 -5.15 4.82 6.19
CA GLU B 242 -6.27 3.90 5.98
C GLU B 242 -6.54 3.07 7.22
N MET B 243 -5.48 2.65 7.91
CA MET B 243 -5.59 1.79 9.09
C MET B 243 -4.49 2.19 10.06
N PRO B 244 -4.76 2.20 11.37
CA PRO B 244 -3.68 2.44 12.34
C PRO B 244 -2.59 1.39 12.29
N GLU B 245 -2.92 0.15 11.90
CA GLU B 245 -1.88 -0.86 11.73
C GLU B 245 -0.93 -0.46 10.60
N LEU B 246 -1.49 0.05 9.50
CA LEU B 246 -0.66 0.56 8.41
C LEU B 246 0.11 1.79 8.87
N THR B 247 -0.59 2.76 9.47
CA THR B 247 0.07 3.95 10.01
C THR B 247 1.26 3.56 10.87
N SER B 248 1.12 2.55 11.72
CA SER B 248 2.20 2.17 12.63
C SER B 248 3.44 1.73 11.86
N MET B 249 3.26 1.02 10.75
CA MET B 249 4.41 0.58 9.98
C MET B 249 5.10 1.76 9.28
N HIS B 250 4.31 2.67 8.70
CA HIS B 250 4.88 3.92 8.19
C HIS B 250 5.68 4.63 9.28
N THR B 251 5.08 4.79 10.46
CA THR B 251 5.74 5.51 11.55
C THR B 251 7.02 4.80 11.97
N LEU B 252 7.01 3.46 11.94
CA LEU B 252 8.19 2.70 12.31
C LEU B 252 9.35 2.99 11.36
N LEU B 253 9.09 2.97 10.06
CA LEU B 253 10.17 3.18 9.09
C LEU B 253 10.62 4.63 9.07
N LEU B 254 9.73 5.57 9.40
CA LEU B 254 10.15 6.95 9.54
C LEU B 254 11.17 7.08 10.67
N ARG B 255 10.90 6.44 11.82
CA ARG B 255 11.84 6.49 12.92
C ARG B 255 13.15 5.82 12.53
N GLU B 256 13.08 4.68 11.83
CA GLU B 256 14.29 3.98 11.44
C GLU B 256 15.18 4.86 10.57
N HIS B 257 14.58 5.62 9.66
CA HIS B 257 15.36 6.54 8.83
C HIS B 257 16.09 7.56 9.71
N ASN B 258 15.35 8.29 10.54
CA ASN B 258 15.96 9.31 11.38
C ASN B 258 16.97 8.71 12.35
N ARG B 259 16.78 7.44 12.72
CA ARG B 259 17.78 6.76 13.53
C ARG B 259 19.06 6.51 12.74
N LEU B 260 18.92 6.07 11.49
CA LEU B 260 20.09 5.81 10.67
C LEU B 260 20.81 7.12 10.34
N ALA B 261 20.07 8.14 9.90
CA ALA B 261 20.69 9.42 9.59
C ALA B 261 21.43 9.97 10.81
N THR B 262 20.89 9.76 12.02
CA THR B 262 21.57 10.21 13.22
C THR B 262 22.92 9.51 13.38
N GLU B 263 22.92 8.18 13.36
CA GLU B 263 24.17 7.44 13.52
C GLU B 263 25.16 7.81 12.42
N LEU B 264 24.71 7.83 11.17
CA LEU B 264 25.60 8.17 10.06
C LEU B 264 26.22 9.55 10.24
N LYS B 265 25.50 10.48 10.88
CA LYS B 265 26.06 11.79 11.15
C LYS B 265 27.21 11.69 12.15
N SER B 266 26.94 11.12 13.32
CA SER B 266 28.02 10.86 14.27
C SER B 266 29.15 10.08 13.62
N LEU B 267 28.80 9.17 12.72
CA LEU B 267 29.82 8.34 12.06
C LEU B 267 30.64 9.16 11.08
N ASN B 268 29.97 9.97 10.25
CA ASN B 268 30.63 10.78 9.24
C ASN B 268 30.19 12.23 9.42
N PRO B 269 30.89 12.99 10.27
CA PRO B 269 30.45 14.37 10.54
C PRO B 269 30.48 15.27 9.31
N ARG B 270 31.33 14.97 8.33
CA ARG B 270 31.47 15.84 7.17
C ARG B 270 30.28 15.77 6.22
N TRP B 271 29.50 14.69 6.27
CA TRP B 271 28.38 14.53 5.35
C TRP B 271 27.31 15.58 5.61
N ASP B 272 26.75 16.11 4.53
CA ASP B 272 25.69 17.11 4.61
C ASP B 272 24.32 16.42 4.62
N GLY B 273 23.26 17.23 4.72
CA GLY B 273 21.92 16.69 4.86
C GLY B 273 21.53 15.78 3.71
N GLU B 274 21.76 16.24 2.48
CA GLU B 274 21.44 15.43 1.31
C GLU B 274 22.15 14.07 1.38
N ARG B 275 23.45 14.08 1.67
CA ARG B 275 24.20 12.83 1.74
C ARG B 275 23.62 11.91 2.82
N LEU B 276 23.31 12.46 3.99
CA LEU B 276 22.72 11.66 5.06
C LEU B 276 21.38 11.10 4.65
N TYR B 277 20.54 11.94 4.03
CA TYR B 277 19.21 11.49 3.60
C TYR B 277 19.34 10.33 2.61
N GLN B 278 20.18 10.49 1.59
CA GLN B 278 20.28 9.48 0.54
C GLN B 278 20.83 8.17 1.09
N GLU B 279 21.83 8.23 1.97
CA GLU B 279 22.44 7.02 2.51
C GLU B 279 21.47 6.26 3.39
N ALA B 280 20.76 6.96 4.28
CA ALA B 280 19.74 6.30 5.11
C ALA B 280 18.59 5.79 4.26
N ARG B 281 18.21 6.54 3.22
CA ARG B 281 17.18 6.08 2.29
C ARG B 281 17.59 4.79 1.60
N LYS B 282 18.88 4.67 1.25
CA LYS B 282 19.36 3.47 0.55
C LYS B 282 19.36 2.25 1.46
N ILE B 283 19.66 2.44 2.75
CA ILE B 283 19.61 1.33 3.70
C ILE B 283 18.18 0.87 3.90
N VAL B 284 17.28 1.80 4.21
CA VAL B 284 15.87 1.46 4.39
C VAL B 284 15.35 0.72 3.16
N GLY B 285 15.67 1.22 1.98
CA GLY B 285 15.25 0.54 0.77
C GLY B 285 15.73 -0.90 0.71
N ALA B 286 16.97 -1.14 1.14
CA ALA B 286 17.49 -2.49 1.15
C ALA B 286 16.85 -3.34 2.24
N MET B 287 16.55 -2.71 3.39
CA MET B 287 15.82 -3.42 4.44
C MET B 287 14.48 -3.92 3.95
N VAL B 288 13.74 -3.09 3.21
CA VAL B 288 12.44 -3.52 2.68
C VAL B 288 12.64 -4.70 1.73
N GLN B 289 13.63 -4.61 0.85
CA GLN B 289 13.87 -5.70 -0.09
C GLN B 289 14.21 -6.99 0.63
N ILE B 290 15.05 -6.91 1.67
CA ILE B 290 15.47 -8.10 2.40
C ILE B 290 14.26 -8.74 3.08
N ILE B 291 13.54 -7.96 3.90
CA ILE B 291 12.36 -8.48 4.57
C ILE B 291 11.40 -9.07 3.56
N THR B 292 11.21 -8.39 2.42
CA THR B 292 10.24 -8.84 1.42
C THR B 292 10.63 -10.18 0.82
N TYR B 293 11.86 -10.29 0.33
CA TYR B 293 12.26 -11.49 -0.41
C TYR B 293 12.78 -12.59 0.50
N ARG B 294 13.38 -12.25 1.64
CA ARG B 294 13.92 -13.26 2.54
C ARG B 294 12.86 -13.85 3.45
N ASP B 295 12.00 -13.01 4.02
CA ASP B 295 11.03 -13.42 5.04
C ASP B 295 9.60 -13.51 4.54
N TYR B 296 9.15 -12.52 3.76
CA TYR B 296 7.74 -12.44 3.41
C TYR B 296 7.40 -13.36 2.24
N LEU B 297 8.03 -13.15 1.08
CA LEU B 297 7.62 -13.87 -0.13
C LEU B 297 7.70 -15.39 0.01
N PRO B 298 8.68 -15.97 0.69
CA PRO B 298 8.67 -17.43 0.86
C PRO B 298 7.42 -17.95 1.56
N LEU B 299 6.84 -17.15 2.47
CA LEU B 299 5.62 -17.54 3.16
C LEU B 299 4.36 -17.24 2.37
N VAL B 300 4.46 -16.43 1.31
CA VAL B 300 3.32 -16.23 0.42
C VAL B 300 3.25 -17.36 -0.60
N LEU B 301 4.38 -17.64 -1.26
CA LEU B 301 4.40 -18.59 -2.37
C LEU B 301 4.59 -20.03 -1.90
N GLY B 302 5.36 -20.24 -0.84
CA GLY B 302 5.72 -21.58 -0.44
C GLY B 302 6.96 -22.05 -1.17
N PRO B 303 7.62 -23.07 -0.62
CA PRO B 303 8.93 -23.47 -1.17
C PRO B 303 8.91 -23.80 -2.66
N THR B 304 7.88 -24.51 -3.13
CA THR B 304 7.85 -24.97 -4.51
C THR B 304 7.81 -23.80 -5.47
N ALA B 305 6.79 -22.94 -5.34
CA ALA B 305 6.69 -21.77 -6.22
C ALA B 305 7.84 -20.80 -6.01
N MET B 306 8.37 -20.73 -4.79
CA MET B 306 9.49 -19.83 -4.53
C MET B 306 10.69 -20.22 -5.39
N ARG B 307 11.11 -21.48 -5.32
CA ARG B 307 12.21 -21.94 -6.15
C ARG B 307 11.91 -21.76 -7.63
N LYS B 308 10.65 -21.92 -8.03
CA LYS B 308 10.30 -21.84 -9.44
C LYS B 308 10.36 -20.41 -9.95
N TYR B 309 9.63 -19.50 -9.32
CA TYR B 309 9.45 -18.15 -9.85
C TYR B 309 10.47 -17.16 -9.32
N LEU B 310 11.17 -17.47 -8.24
CA LEU B 310 12.23 -16.60 -7.71
C LEU B 310 13.49 -17.42 -7.51
N PRO B 311 14.09 -17.92 -8.60
CA PRO B 311 15.35 -18.64 -8.48
C PRO B 311 16.44 -17.76 -7.86
N THR B 312 17.56 -18.39 -7.56
CA THR B 312 18.65 -17.68 -6.89
C THR B 312 19.07 -16.48 -7.72
N TYR B 313 19.24 -15.35 -7.04
CA TYR B 313 19.64 -14.12 -7.73
C TYR B 313 21.01 -14.29 -8.36
N ARG B 314 21.15 -13.76 -9.58
CA ARG B 314 22.43 -13.75 -10.27
C ARG B 314 22.99 -12.34 -10.32
N SER B 315 22.45 -11.51 -11.21
CA SER B 315 22.90 -10.12 -11.31
C SER B 315 21.81 -9.31 -12.01
N TYR B 316 22.04 -7.99 -12.10
CA TYR B 316 21.10 -7.12 -12.77
C TYR B 316 21.03 -7.44 -14.26
N ASN B 317 19.84 -7.26 -14.83
CA ASN B 317 19.58 -7.52 -16.24
C ASN B 317 18.78 -6.34 -16.80
N ASP B 318 19.41 -5.54 -17.65
CA ASP B 318 18.76 -4.36 -18.21
C ASP B 318 17.75 -4.70 -19.30
N SER B 319 17.56 -5.98 -19.62
CA SER B 319 16.53 -6.39 -20.56
C SER B 319 15.22 -6.75 -19.88
N VAL B 320 15.19 -6.77 -18.54
CA VAL B 320 14.00 -7.16 -17.82
C VAL B 320 13.07 -5.96 -17.68
N ASP B 321 11.80 -6.17 -17.94
CA ASP B 321 10.77 -5.15 -17.73
C ASP B 321 10.42 -5.12 -16.25
N PRO B 322 10.79 -4.07 -15.51
CA PRO B 322 10.50 -4.03 -14.06
C PRO B 322 9.19 -3.34 -13.70
N ARG B 323 8.31 -3.09 -14.65
CA ARG B 323 7.07 -2.38 -14.37
C ARG B 323 6.08 -3.30 -13.65
N ILE B 324 5.09 -2.68 -12.99
CA ILE B 324 4.00 -3.41 -12.39
C ILE B 324 2.99 -3.78 -13.48
N ALA B 325 2.67 -5.06 -13.59
CA ALA B 325 1.61 -5.49 -14.48
C ALA B 325 0.26 -5.03 -13.95
N ASN B 326 -0.64 -4.69 -14.87
CA ASN B 326 -1.97 -4.26 -14.47
C ASN B 326 -2.67 -5.33 -13.65
N VAL B 327 -2.43 -6.61 -13.97
CA VAL B 327 -3.09 -7.71 -13.27
C VAL B 327 -2.55 -7.84 -11.84
N PHE B 328 -1.29 -7.47 -11.62
CA PHE B 328 -0.73 -7.58 -10.28
C PHE B 328 -1.44 -6.67 -9.29
N THR B 329 -1.87 -5.48 -9.74
CA THR B 329 -2.58 -4.57 -8.84
C THR B 329 -3.80 -5.24 -8.23
N ASN B 330 -4.45 -6.12 -8.97
CA ASN B 330 -5.64 -6.83 -8.48
C ASN B 330 -5.27 -8.17 -7.85
N ALA B 331 -4.30 -8.88 -8.43
CA ALA B 331 -3.90 -10.19 -7.90
C ALA B 331 -3.27 -10.08 -6.52
N PHE B 332 -2.53 -8.99 -6.25
CA PHE B 332 -1.88 -8.85 -4.96
C PHE B 332 -2.85 -8.45 -3.85
N ARG B 333 -4.11 -8.20 -4.20
CA ARG B 333 -5.18 -8.00 -3.22
C ARG B 333 -5.61 -9.32 -2.55
N TYR B 334 -4.91 -10.41 -2.80
CA TYR B 334 -5.17 -11.65 -2.06
C TYR B 334 -5.13 -11.40 -0.57
N GLY B 335 -4.31 -10.44 -0.12
CA GLY B 335 -4.16 -10.18 1.30
C GLY B 335 -5.46 -9.88 2.02
N HIS B 336 -6.48 -9.46 1.28
CA HIS B 336 -7.77 -9.18 1.91
C HIS B 336 -8.34 -10.39 2.62
N THR B 337 -8.00 -11.59 2.15
CA THR B 337 -8.45 -12.81 2.82
C THR B 337 -7.78 -13.00 4.18
N LEU B 338 -6.69 -12.27 4.45
CA LEU B 338 -5.97 -12.41 5.70
C LEU B 338 -6.47 -11.46 6.78
N ILE B 339 -7.38 -10.56 6.45
CA ILE B 339 -7.75 -9.48 7.34
C ILE B 339 -8.63 -10.01 8.46
N GLN B 340 -8.24 -9.72 9.69
CA GLN B 340 -9.05 -9.98 10.88
C GLN B 340 -10.09 -8.88 11.04
N PRO B 341 -11.25 -9.18 11.62
CA PRO B 341 -12.30 -8.16 11.76
C PRO B 341 -12.06 -7.16 12.88
N PHE B 342 -10.97 -7.30 13.64
CA PHE B 342 -10.68 -6.38 14.74
C PHE B 342 -9.25 -5.87 14.63
N MET B 343 -9.02 -4.72 15.26
CA MET B 343 -7.68 -4.24 15.55
C MET B 343 -7.35 -4.63 16.98
N PHE B 344 -6.32 -5.46 17.14
CA PHE B 344 -5.89 -5.95 18.45
C PHE B 344 -4.78 -5.06 18.98
N ARG B 345 -4.92 -4.63 20.25
CA ARG B 345 -3.90 -3.83 20.91
C ARG B 345 -3.55 -4.45 22.25
N LEU B 346 -2.26 -4.61 22.50
CA LEU B 346 -1.73 -5.26 23.68
C LEU B 346 -0.84 -4.29 24.45
N ASP B 347 -0.55 -4.65 25.70
CA ASP B 347 0.30 -3.82 26.55
C ASP B 347 1.71 -4.39 26.60
N ASN B 348 2.55 -3.82 27.46
CA ASN B 348 3.93 -4.28 27.57
C ASN B 348 4.00 -5.74 28.01
N ARG B 349 2.95 -6.27 28.61
CA ARG B 349 2.86 -7.67 28.98
C ARG B 349 2.24 -8.53 27.86
N TYR B 350 1.94 -7.93 26.70
CA TYR B 350 1.26 -8.61 25.61
C TYR B 350 -0.13 -9.10 26.05
N GLN B 351 -0.77 -8.36 26.96
CA GLN B 351 -2.14 -8.61 27.35
C GLN B 351 -3.05 -7.58 26.72
N PRO B 352 -4.34 -7.88 26.57
CA PRO B 352 -5.27 -6.89 26.02
C PRO B 352 -5.14 -5.56 26.75
N MET B 353 -5.08 -4.48 25.98
CA MET B 353 -4.89 -3.14 26.52
C MET B 353 -6.20 -2.36 26.48
N GLU B 354 -6.52 -1.70 27.61
CA GLU B 354 -7.64 -0.77 27.63
C GLU B 354 -7.16 0.61 27.15
N PRO B 355 -8.05 1.47 26.62
CA PRO B 355 -9.51 1.39 26.47
C PRO B 355 -10.05 0.17 25.72
N ASN B 356 -9.74 0.07 24.42
CA ASN B 356 -10.38 -0.91 23.55
C ASN B 356 -9.35 -1.88 23.00
N PRO B 357 -9.30 -3.14 23.44
CA PRO B 357 -8.32 -4.08 22.91
C PRO B 357 -8.79 -4.87 21.70
N ARG B 358 -10.08 -4.79 21.32
CA ARG B 358 -10.65 -5.58 20.22
C ARG B 358 -11.63 -4.66 19.48
N VAL B 359 -11.11 -3.72 18.71
CA VAL B 359 -11.92 -2.73 18.00
C VAL B 359 -12.27 -3.25 16.61
N PRO B 360 -13.54 -3.25 16.21
CA PRO B 360 -13.86 -3.67 14.84
C PRO B 360 -13.26 -2.72 13.82
N LEU B 361 -12.83 -3.29 12.68
CA LEU B 361 -12.17 -2.49 11.66
C LEU B 361 -13.04 -1.32 11.20
N SER B 362 -14.35 -1.47 11.22
CA SER B 362 -15.23 -0.40 10.75
C SER B 362 -15.14 0.85 11.62
N ARG B 363 -14.38 0.82 12.72
CA ARG B 363 -14.16 2.00 13.56
C ARG B 363 -12.70 2.38 13.66
N VAL B 364 -11.82 1.75 12.87
CA VAL B 364 -10.41 2.12 12.84
C VAL B 364 -10.01 2.74 11.51
N PHE B 365 -10.80 2.56 10.45
CA PHE B 365 -10.48 3.14 9.14
C PHE B 365 -10.31 4.65 9.27
N PHE B 366 -9.16 5.15 8.85
CA PHE B 366 -8.85 6.58 8.90
C PHE B 366 -8.92 7.13 10.33
N ALA B 367 -8.82 6.26 11.32
CA ALA B 367 -8.88 6.66 12.72
C ALA B 367 -7.48 7.00 13.23
N SER B 368 -6.90 8.05 12.62
CA SER B 368 -5.59 8.51 13.06
C SER B 368 -5.63 8.96 14.52
N TRP B 369 -6.79 9.40 15.01
CA TRP B 369 -6.88 9.82 16.40
C TRP B 369 -6.46 8.69 17.35
N ARG B 370 -6.63 7.44 16.93
CA ARG B 370 -6.29 6.33 17.81
C ARG B 370 -4.78 6.22 18.01
N VAL B 371 -3.99 6.52 16.98
CA VAL B 371 -2.54 6.50 17.13
C VAL B 371 -2.09 7.60 18.08
N VAL B 372 -2.69 8.79 17.96
CA VAL B 372 -2.20 9.93 18.72
C VAL B 372 -2.73 9.90 20.15
N LEU B 373 -3.98 9.49 20.34
CA LEU B 373 -4.66 9.66 21.61
C LEU B 373 -4.94 8.37 22.37
N GLU B 374 -4.67 7.20 21.78
CA GLU B 374 -4.96 5.93 22.44
C GLU B 374 -3.71 5.06 22.54
N GLY B 375 -2.55 5.67 22.76
CA GLY B 375 -1.36 4.96 23.16
C GLY B 375 -0.30 4.75 22.10
N GLY B 376 -0.33 5.49 21.00
CA GLY B 376 0.75 5.40 20.04
C GLY B 376 0.71 4.12 19.23
N ILE B 377 1.89 3.70 18.77
CA ILE B 377 1.99 2.55 17.87
C ILE B 377 2.45 1.28 18.57
N ASP B 378 3.01 1.38 19.78
CA ASP B 378 3.50 0.18 20.45
C ASP B 378 2.39 -0.82 20.71
N PRO B 379 1.23 -0.44 21.22
CA PRO B 379 0.17 -1.45 21.40
C PRO B 379 -0.30 -2.05 20.08
N ILE B 380 -0.21 -1.30 18.99
CA ILE B 380 -0.63 -1.82 17.69
C ILE B 380 0.37 -2.86 17.18
N LEU B 381 1.65 -2.50 17.14
CA LEU B 381 2.67 -3.42 16.65
C LEU B 381 2.71 -4.71 17.47
N ARG B 382 2.47 -4.62 18.78
CA ARG B 382 2.42 -5.81 19.61
C ARG B 382 1.24 -6.71 19.21
N GLY B 383 0.08 -6.11 18.93
CA GLY B 383 -1.05 -6.89 18.46
C GLY B 383 -0.77 -7.55 17.11
N LEU B 384 -0.07 -6.85 16.22
CA LEU B 384 0.25 -7.43 14.92
C LEU B 384 1.17 -8.63 15.05
N MET B 385 2.04 -8.65 16.06
CA MET B 385 3.00 -9.74 16.23
C MET B 385 2.42 -10.94 16.96
N ALA B 386 1.57 -10.72 17.97
CA ALA B 386 1.05 -11.77 18.85
C ALA B 386 -0.39 -12.13 18.54
N THR B 387 -0.87 -11.81 17.34
CA THR B 387 -2.22 -12.17 16.91
C THR B 387 -2.12 -12.97 15.62
N PRO B 388 -2.80 -14.10 15.51
CA PRO B 388 -2.74 -14.84 14.24
C PRO B 388 -3.48 -14.10 13.14
N ALA B 389 -2.97 -14.23 11.92
CA ALA B 389 -3.71 -13.77 10.77
C ALA B 389 -4.95 -14.64 10.57
N LYS B 390 -5.89 -14.14 9.79
CA LYS B 390 -7.00 -14.94 9.34
C LYS B 390 -6.52 -15.89 8.25
N LEU B 391 -6.86 -17.17 8.38
CA LEU B 391 -6.58 -18.14 7.35
C LEU B 391 -7.63 -18.03 6.24
N ASN B 392 -7.21 -18.27 5.02
CA ASN B 392 -8.10 -18.22 3.87
C ASN B 392 -8.63 -19.63 3.62
N ARG B 393 -9.92 -19.83 3.86
CA ARG B 393 -10.59 -21.07 3.53
C ARG B 393 -11.52 -20.82 2.35
N GLN B 394 -11.77 -21.86 1.57
CA GLN B 394 -12.61 -21.72 0.38
C GLN B 394 -14.06 -21.37 0.71
N ASN B 395 -14.49 -21.49 1.98
CA ASN B 395 -15.81 -21.04 2.39
C ASN B 395 -15.74 -19.98 3.48
N GLN B 396 -14.58 -19.32 3.63
CA GLN B 396 -14.36 -18.23 4.57
C GLN B 396 -13.36 -17.27 3.91
N ILE B 397 -13.81 -16.58 2.87
CA ILE B 397 -12.91 -15.80 2.01
C ILE B 397 -12.47 -14.52 2.71
N ALA B 398 -13.43 -13.65 3.02
CA ALA B 398 -13.13 -12.34 3.58
C ALA B 398 -14.24 -11.92 4.55
N VAL B 399 -13.84 -11.29 5.65
CA VAL B 399 -14.76 -10.90 6.72
C VAL B 399 -15.68 -9.78 6.27
N ASP B 400 -16.72 -9.52 7.05
CA ASP B 400 -17.73 -8.52 6.69
C ASP B 400 -17.33 -7.10 7.08
N GLU B 401 -16.31 -6.92 7.93
CA GLU B 401 -15.84 -5.58 8.24
C GLU B 401 -15.31 -4.87 7.00
N ILE B 402 -14.83 -5.63 6.01
CA ILE B 402 -14.47 -5.06 4.72
C ILE B 402 -15.49 -5.38 3.64
N ARG B 403 -16.35 -6.38 3.83
CA ARG B 403 -17.34 -6.72 2.82
C ARG B 403 -18.64 -5.96 2.99
N GLU B 404 -18.90 -5.39 4.18
CA GLU B 404 -20.17 -4.72 4.46
C GLU B 404 -19.95 -3.31 4.99
N ARG B 405 -18.82 -3.07 5.65
CA ARG B 405 -18.66 -1.85 6.45
C ARG B 405 -17.34 -1.15 6.17
N LEU B 406 -16.79 -1.31 4.97
CA LEU B 406 -15.54 -0.66 4.62
C LEU B 406 -15.75 0.86 4.54
N PHE B 407 -15.02 1.60 5.36
CA PHE B 407 -15.04 3.06 5.36
C PHE B 407 -16.42 3.63 5.65
N GLU B 408 -17.30 2.88 6.33
CA GLU B 408 -18.64 3.39 6.54
C GLU B 408 -18.66 4.64 7.41
N GLN B 409 -17.57 4.91 8.15
CA GLN B 409 -17.49 6.13 8.95
C GLN B 409 -17.21 7.38 8.12
N VAL B 410 -16.76 7.22 6.88
CA VAL B 410 -16.39 8.37 6.06
C VAL B 410 -17.09 8.31 4.70
N MET B 411 -18.08 7.43 4.58
CA MET B 411 -18.76 7.18 3.32
C MET B 411 -20.26 7.23 3.57
N ARG B 412 -21.02 7.62 2.54
CA ARG B 412 -22.48 7.61 2.67
C ARG B 412 -23.02 6.19 2.90
N ILE B 413 -22.26 5.17 2.54
CA ILE B 413 -22.68 3.79 2.69
C ILE B 413 -21.45 2.92 2.84
N GLY B 414 -21.57 1.86 3.63
CA GLY B 414 -20.47 0.92 3.76
C GLY B 414 -20.14 0.29 2.41
N LEU B 415 -18.85 0.12 2.14
CA LEU B 415 -18.39 -0.44 0.88
C LEU B 415 -18.08 -1.93 1.04
N ASP B 416 -17.96 -2.59 -0.10
CA ASP B 416 -17.72 -4.03 -0.19
C ASP B 416 -16.40 -4.23 -0.93
N LEU B 417 -15.32 -4.42 -0.17
CA LEU B 417 -13.99 -4.46 -0.78
C LEU B 417 -13.83 -5.61 -1.76
N PRO B 418 -14.19 -6.86 -1.43
CA PRO B 418 -14.16 -7.91 -2.45
C PRO B 418 -14.90 -7.54 -3.72
N ALA B 419 -16.08 -6.92 -3.61
CA ALA B 419 -16.82 -6.50 -4.79
C ALA B 419 -16.10 -5.40 -5.54
N LEU B 420 -15.49 -4.45 -4.80
CA LEU B 420 -14.69 -3.43 -5.45
C LEU B 420 -13.55 -4.05 -6.24
N ASN B 421 -12.93 -5.09 -5.71
CA ASN B 421 -11.83 -5.75 -6.43
C ASN B 421 -12.30 -6.26 -7.78
N MET B 422 -13.43 -6.96 -7.81
CA MET B 422 -13.93 -7.52 -9.06
C MET B 422 -14.38 -6.41 -10.01
N GLN B 423 -15.10 -5.41 -9.50
CA GLN B 423 -15.42 -4.26 -10.34
C GLN B 423 -14.16 -3.59 -10.84
N ARG B 424 -13.11 -3.54 -10.01
CA ARG B 424 -11.87 -2.89 -10.41
C ARG B 424 -11.18 -3.65 -11.54
N SER B 425 -11.17 -4.98 -11.47
CA SER B 425 -10.56 -5.76 -12.56
C SER B 425 -11.29 -5.51 -13.86
N ARG B 426 -12.62 -5.36 -13.80
CA ARG B 426 -13.37 -5.02 -15.01
C ARG B 426 -13.07 -3.61 -15.46
N ASP B 427 -12.95 -2.67 -14.50
CA ASP B 427 -12.57 -1.31 -14.84
C ASP B 427 -11.25 -1.29 -15.62
N HIS B 428 -10.29 -2.13 -15.23
CA HIS B 428 -9.00 -2.21 -15.88
C HIS B 428 -8.96 -3.19 -17.06
N GLY B 429 -10.12 -3.69 -17.48
CA GLY B 429 -10.16 -4.61 -18.62
C GLY B 429 -9.25 -5.81 -18.47
N LEU B 430 -9.20 -6.40 -17.29
CA LEU B 430 -8.34 -7.56 -17.11
C LEU B 430 -9.01 -8.81 -17.69
N PRO B 431 -8.23 -9.73 -18.27
CA PRO B 431 -8.82 -10.99 -18.72
C PRO B 431 -9.30 -11.84 -17.56
N GLY B 432 -10.13 -12.82 -17.90
CA GLY B 432 -10.76 -13.67 -16.92
C GLY B 432 -9.82 -14.70 -16.34
N TYR B 433 -10.41 -15.62 -15.57
CA TYR B 433 -9.64 -16.60 -14.81
C TYR B 433 -8.87 -17.55 -15.72
N ASN B 434 -9.55 -18.15 -16.70
CA ASN B 434 -8.87 -19.10 -17.58
C ASN B 434 -7.83 -18.42 -18.45
N ALA B 435 -8.03 -17.15 -18.80
CA ALA B 435 -7.03 -16.43 -19.58
C ALA B 435 -5.71 -16.34 -18.81
N TRP B 436 -5.78 -16.14 -17.49
CA TRP B 436 -4.56 -16.05 -16.70
C TRP B 436 -4.02 -17.42 -16.33
N ARG B 437 -4.88 -18.42 -16.21
CA ARG B 437 -4.41 -19.80 -16.04
C ARG B 437 -3.51 -20.20 -17.20
N ARG B 438 -4.01 -20.06 -18.43
CA ARG B 438 -3.21 -20.34 -19.61
C ARG B 438 -1.89 -19.58 -19.58
N PHE B 439 -1.98 -18.25 -19.41
CA PHE B 439 -0.79 -17.42 -19.35
C PHE B 439 0.24 -17.99 -18.38
N CYS B 440 -0.22 -18.59 -17.28
CA CYS B 440 0.67 -19.19 -16.29
C CYS B 440 0.99 -20.65 -16.58
N GLY B 441 0.54 -21.18 -17.71
CA GLY B 441 0.79 -22.57 -18.03
C GLY B 441 0.00 -23.56 -17.20
N LEU B 442 -1.21 -23.19 -16.78
CA LEU B 442 -2.02 -24.03 -15.93
C LEU B 442 -3.25 -24.53 -16.69
N PRO B 443 -3.79 -25.70 -16.34
CA PRO B 443 -4.99 -26.18 -17.03
C PRO B 443 -6.16 -25.23 -16.87
N GLN B 444 -7.00 -25.19 -17.89
CA GLN B 444 -8.14 -24.28 -17.95
C GLN B 444 -9.44 -25.08 -17.90
N PRO B 445 -10.13 -25.14 -16.76
CA PRO B 445 -11.38 -25.92 -16.69
C PRO B 445 -12.51 -25.21 -17.41
N GLU B 446 -13.31 -26.00 -18.13
CA GLU B 446 -14.49 -25.51 -18.83
C GLU B 446 -15.77 -25.81 -18.08
N THR B 447 -15.85 -26.96 -17.42
CA THR B 447 -17.06 -27.44 -16.79
C THR B 447 -16.95 -27.35 -15.27
N VAL B 448 -18.09 -27.44 -14.60
CA VAL B 448 -18.09 -27.42 -13.15
C VAL B 448 -17.20 -28.53 -12.61
N GLY B 449 -17.23 -29.69 -13.26
CA GLY B 449 -16.43 -30.82 -12.78
C GLY B 449 -14.94 -30.53 -12.87
N GLN B 450 -14.48 -30.08 -14.03
CA GLN B 450 -13.07 -29.74 -14.19
C GLN B 450 -12.68 -28.61 -13.22
N LEU B 451 -13.52 -27.59 -13.10
CA LEU B 451 -13.27 -26.56 -12.11
C LEU B 451 -13.23 -27.15 -10.70
N GLY B 452 -14.12 -28.10 -10.41
CA GLY B 452 -14.09 -28.77 -9.12
C GLY B 452 -12.75 -29.45 -8.85
N THR B 453 -12.18 -30.08 -9.88
CA THR B 453 -10.88 -30.71 -9.72
C THR B 453 -9.79 -29.68 -9.45
N VAL B 454 -9.79 -28.56 -10.18
CA VAL B 454 -8.79 -27.52 -9.98
C VAL B 454 -8.86 -27.02 -8.54
N LEU B 455 -10.07 -26.74 -8.06
CA LEU B 455 -10.25 -26.18 -6.73
C LEU B 455 -10.24 -27.23 -5.63
N ARG B 456 -10.27 -28.52 -5.99
CA ARG B 456 -10.40 -29.60 -5.02
C ARG B 456 -11.58 -29.33 -4.09
N ASN B 457 -12.66 -28.80 -4.67
CA ASN B 457 -13.83 -28.36 -3.90
C ASN B 457 -15.00 -28.26 -4.88
N LEU B 458 -15.78 -29.34 -4.97
CA LEU B 458 -16.90 -29.38 -5.90
C LEU B 458 -17.96 -28.33 -5.55
N LYS B 459 -18.12 -28.03 -4.26
CA LYS B 459 -19.13 -27.08 -3.84
C LYS B 459 -18.83 -25.68 -4.37
N LEU B 460 -17.61 -25.20 -4.14
CA LEU B 460 -17.25 -23.86 -4.58
C LEU B 460 -17.30 -23.76 -6.11
N ALA B 461 -16.77 -24.75 -6.80
CA ALA B 461 -16.87 -24.75 -8.26
C ALA B 461 -18.32 -24.63 -8.72
N ARG B 462 -19.26 -25.15 -7.92
CA ARG B 462 -20.67 -25.05 -8.28
C ARG B 462 -21.18 -23.62 -8.12
N LYS B 463 -20.90 -23.00 -6.97
CA LYS B 463 -21.37 -21.64 -6.74
C LYS B 463 -20.73 -20.64 -7.68
N LEU B 464 -19.50 -20.92 -8.13
CA LEU B 464 -18.87 -20.04 -9.12
C LEU B 464 -19.54 -20.16 -10.48
N MET B 465 -19.85 -21.39 -10.90
CA MET B 465 -20.54 -21.58 -12.18
C MET B 465 -21.93 -20.96 -12.16
N GLU B 466 -22.60 -21.00 -11.01
CA GLU B 466 -23.93 -20.41 -10.90
C GLU B 466 -23.87 -18.90 -11.03
N GLN B 467 -22.82 -18.28 -10.48
CA GLN B 467 -22.68 -16.83 -10.56
C GLN B 467 -22.16 -16.40 -11.92
N TYR B 468 -21.12 -17.06 -12.42
CA TYR B 468 -20.41 -16.63 -13.61
C TYR B 468 -20.82 -17.38 -14.87
N GLY B 469 -21.35 -18.59 -14.74
CA GLY B 469 -21.75 -19.37 -15.90
C GLY B 469 -20.63 -20.14 -16.55
N THR B 470 -19.47 -19.50 -16.75
CA THR B 470 -18.31 -20.15 -17.33
C THR B 470 -17.07 -19.76 -16.53
N PRO B 471 -16.12 -20.68 -16.34
CA PRO B 471 -14.88 -20.31 -15.65
C PRO B 471 -14.09 -19.23 -16.38
N ASN B 472 -14.37 -19.01 -17.66
CA ASN B 472 -13.70 -17.96 -18.42
C ASN B 472 -14.02 -16.57 -17.89
N ASN B 473 -15.15 -16.41 -17.19
CA ASN B 473 -15.59 -15.10 -16.74
C ASN B 473 -15.27 -14.81 -15.28
N ILE B 474 -14.76 -15.80 -14.54
CA ILE B 474 -14.44 -15.59 -13.13
C ILE B 474 -13.42 -14.46 -13.02
N ASP B 475 -13.77 -13.40 -12.30
CA ASP B 475 -12.86 -12.28 -12.10
C ASP B 475 -11.57 -12.76 -11.45
N ILE B 476 -10.45 -12.16 -11.84
CA ILE B 476 -9.14 -12.72 -11.51
C ILE B 476 -8.95 -12.82 -9.99
N TRP B 477 -9.48 -11.85 -9.24
CA TRP B 477 -9.33 -11.91 -7.79
C TRP B 477 -10.14 -13.05 -7.20
N MET B 478 -11.42 -13.13 -7.56
CA MET B 478 -12.28 -14.21 -7.06
C MET B 478 -11.67 -15.57 -7.37
N GLY B 479 -11.23 -15.78 -8.61
CA GLY B 479 -10.65 -17.06 -8.98
C GLY B 479 -9.32 -17.30 -8.29
N GLY B 480 -8.51 -16.25 -8.16
CA GLY B 480 -7.22 -16.40 -7.52
C GLY B 480 -7.33 -16.88 -6.08
N VAL B 481 -8.16 -16.21 -5.29
CA VAL B 481 -8.30 -16.56 -3.87
C VAL B 481 -9.15 -17.81 -3.67
N SER B 482 -9.87 -18.27 -4.70
CA SER B 482 -10.69 -19.47 -4.57
C SER B 482 -9.86 -20.74 -4.66
N GLU B 483 -8.63 -20.66 -5.17
CA GLU B 483 -7.84 -21.86 -5.39
C GLU B 483 -7.23 -22.35 -4.07
N PRO B 484 -7.04 -23.66 -3.93
CA PRO B 484 -6.44 -24.19 -2.71
C PRO B 484 -5.01 -23.71 -2.56
N LEU B 485 -4.62 -23.44 -1.31
CA LEU B 485 -3.32 -22.85 -1.04
C LEU B 485 -2.22 -23.88 -1.24
N LYS B 486 -1.10 -23.44 -1.80
CA LYS B 486 0.02 -24.35 -2.01
C LYS B 486 0.68 -24.69 -0.68
N ARG B 487 1.46 -25.76 -0.70
CA ARG B 487 2.08 -26.28 0.52
C ARG B 487 2.98 -25.22 1.15
N LYS B 488 2.69 -24.89 2.41
CA LYS B 488 3.42 -23.87 3.17
C LYS B 488 3.29 -22.47 2.58
N GLY B 489 2.29 -22.26 1.73
CA GLY B 489 2.01 -20.94 1.17
C GLY B 489 0.61 -20.48 1.53
N ARG B 490 0.27 -19.27 1.06
CA ARG B 490 -1.03 -18.69 1.32
C ARG B 490 -1.69 -18.17 0.05
N VAL B 491 -1.28 -18.69 -1.11
CA VAL B 491 -1.97 -18.44 -2.37
C VAL B 491 -1.99 -19.74 -3.17
N GLY B 492 -2.90 -19.80 -4.13
CA GLY B 492 -2.98 -20.93 -5.03
C GLY B 492 -1.89 -20.89 -6.09
N PRO B 493 -1.94 -21.83 -7.05
CA PRO B 493 -0.93 -21.82 -8.11
C PRO B 493 -1.02 -20.62 -9.02
N LEU B 494 -2.24 -20.17 -9.35
CA LEU B 494 -2.38 -19.04 -10.26
C LEU B 494 -1.79 -17.78 -9.67
N LEU B 495 -2.13 -17.47 -8.42
CA LEU B 495 -1.60 -16.25 -7.80
C LEU B 495 -0.12 -16.39 -7.46
N ALA B 496 0.34 -17.62 -7.21
CA ALA B 496 1.77 -17.83 -7.00
C ALA B 496 2.56 -17.49 -8.25
N CYS B 497 1.97 -17.72 -9.43
CA CYS B 497 2.64 -17.40 -10.68
C CYS B 497 2.64 -15.92 -10.95
N ILE B 498 1.48 -15.26 -10.83
CA ILE B 498 1.40 -13.83 -11.08
C ILE B 498 2.27 -13.07 -10.08
N ILE B 499 2.10 -13.36 -8.79
CA ILE B 499 2.87 -12.67 -7.77
C ILE B 499 4.35 -13.02 -7.88
N GLY B 500 4.67 -14.29 -8.07
CA GLY B 500 6.06 -14.69 -8.18
C GLY B 500 6.75 -14.05 -9.36
N THR B 501 6.08 -14.06 -10.52
CA THR B 501 6.66 -13.45 -11.72
C THR B 501 6.91 -11.96 -11.49
N GLN B 502 5.92 -11.25 -10.94
CA GLN B 502 6.07 -9.82 -10.74
C GLN B 502 7.33 -9.51 -9.94
N PHE B 503 7.48 -10.15 -8.78
CA PHE B 503 8.62 -9.86 -7.91
C PHE B 503 9.94 -10.35 -8.49
N ARG B 504 9.92 -11.34 -9.39
CA ARG B 504 11.14 -11.69 -10.10
C ARG B 504 11.64 -10.51 -10.91
N LYS B 505 10.76 -9.93 -11.73
CA LYS B 505 11.15 -8.78 -12.54
C LYS B 505 11.57 -7.59 -11.69
N LEU B 506 10.85 -7.34 -10.59
CA LEU B 506 11.23 -6.24 -9.70
C LEU B 506 12.61 -6.45 -9.09
N ARG B 507 13.09 -7.69 -9.00
CA ARG B 507 14.43 -7.96 -8.52
C ARG B 507 15.45 -7.93 -9.65
N ASP B 508 15.18 -8.65 -10.73
CA ASP B 508 16.15 -8.79 -11.80
C ASP B 508 16.24 -7.53 -12.66
N GLY B 509 15.21 -6.69 -12.66
CA GLY B 509 15.20 -5.48 -13.47
C GLY B 509 15.44 -4.22 -12.68
N ASP B 510 16.03 -4.36 -11.49
CA ASP B 510 16.31 -3.23 -10.61
C ASP B 510 17.83 -3.06 -10.51
N ARG B 511 18.35 -2.02 -11.15
CA ARG B 511 19.79 -1.79 -11.11
C ARG B 511 20.29 -1.49 -9.71
N PHE B 512 19.41 -1.10 -8.79
CA PHE B 512 19.79 -0.78 -7.42
C PHE B 512 19.39 -1.88 -6.44
N TRP B 513 19.18 -3.10 -6.92
CA TRP B 513 18.94 -4.22 -6.02
C TRP B 513 20.12 -4.36 -5.05
N TRP B 514 19.80 -4.59 -3.77
CA TRP B 514 20.80 -4.46 -2.72
C TRP B 514 21.97 -5.42 -2.88
N GLU B 515 21.79 -6.50 -3.65
CA GLU B 515 22.86 -7.46 -3.89
C GLU B 515 23.63 -7.20 -5.19
N ASN B 516 23.13 -6.30 -6.04
CA ASN B 516 23.81 -6.04 -7.31
C ASN B 516 25.18 -5.41 -7.07
N GLU B 517 26.16 -5.84 -7.86
CA GLU B 517 27.53 -5.34 -7.71
C GLU B 517 27.57 -3.84 -7.85
N GLY B 518 28.18 -3.17 -6.87
CA GLY B 518 28.34 -1.73 -6.89
C GLY B 518 27.37 -1.00 -5.98
N VAL B 519 26.18 -1.55 -5.77
CA VAL B 519 25.21 -0.89 -4.91
C VAL B 519 25.79 -0.73 -3.51
N PHE B 520 26.16 -1.84 -2.88
CA PHE B 520 26.80 -1.83 -1.58
C PHE B 520 28.16 -2.52 -1.68
N SER B 521 29.03 -2.22 -0.73
CA SER B 521 30.29 -2.93 -0.61
C SER B 521 30.07 -4.29 0.03
N MET B 522 31.09 -5.15 -0.07
CA MET B 522 30.97 -6.49 0.50
C MET B 522 30.70 -6.42 1.99
N GLN B 523 31.45 -5.59 2.72
CA GLN B 523 31.25 -5.45 4.15
C GLN B 523 29.85 -4.91 4.45
N GLN B 524 29.33 -4.06 3.57
CA GLN B 524 28.00 -3.51 3.77
C GLN B 524 26.92 -4.57 3.53
N ARG B 525 27.09 -5.40 2.50
CA ARG B 525 26.10 -6.44 2.22
C ARG B 525 26.05 -7.45 3.36
N GLN B 526 27.21 -7.84 3.89
CA GLN B 526 27.21 -8.76 5.02
C GLN B 526 26.58 -8.12 6.25
N ALA B 527 26.69 -6.80 6.38
CA ALA B 527 26.08 -6.12 7.51
C ALA B 527 24.56 -6.06 7.37
N LEU B 528 24.07 -5.85 6.13
CA LEU B 528 22.63 -5.74 5.91
C LEU B 528 21.92 -7.08 6.05
N ALA B 529 22.63 -8.18 5.78
CA ALA B 529 22.02 -9.50 5.96
C ALA B 529 21.59 -9.74 7.40
N GLN B 530 22.11 -8.95 8.34
CA GLN B 530 21.78 -9.12 9.75
C GLN B 530 20.49 -8.43 10.16
N ILE B 531 19.93 -7.56 9.32
CA ILE B 531 18.74 -6.81 9.72
C ILE B 531 17.53 -7.74 9.77
N SER B 532 16.55 -7.32 10.56
CA SER B 532 15.28 -8.04 10.64
C SER B 532 14.21 -7.06 11.11
N LEU B 533 12.97 -7.33 10.73
CA LEU B 533 11.87 -6.48 11.16
C LEU B 533 11.74 -6.44 12.68
N PRO B 534 11.90 -7.54 13.42
CA PRO B 534 11.86 -7.44 14.88
C PRO B 534 12.92 -6.51 15.45
N ARG B 535 14.12 -6.50 14.86
CA ARG B 535 15.15 -5.59 15.32
C ARG B 535 14.80 -4.14 15.03
N ILE B 536 14.18 -3.87 13.88
CA ILE B 536 13.74 -2.50 13.60
C ILE B 536 12.72 -2.06 14.64
N ILE B 537 11.85 -2.97 15.08
CA ILE B 537 10.89 -2.63 16.13
C ILE B 537 11.61 -2.32 17.44
N CYS B 538 12.65 -3.10 17.76
CA CYS B 538 13.39 -2.85 18.99
C CYS B 538 14.06 -1.48 18.96
N ASP B 539 14.56 -1.07 17.80
CA ASP B 539 15.36 0.15 17.70
C ASP B 539 14.54 1.42 17.75
N ASN B 540 13.22 1.35 17.46
CA ASN B 540 12.43 2.56 17.28
C ASN B 540 11.12 2.53 18.06
N THR B 541 11.01 1.67 19.06
CA THR B 541 9.80 1.61 19.88
C THR B 541 10.17 1.25 21.31
N GLY B 542 9.22 1.45 22.21
CA GLY B 542 9.37 1.03 23.60
C GLY B 542 9.26 -0.46 23.81
N ILE B 543 8.99 -1.22 22.74
CA ILE B 543 8.83 -2.67 22.86
C ILE B 543 10.20 -3.30 23.09
N THR B 544 10.28 -4.19 24.07
CA THR B 544 11.53 -4.86 24.41
C THR B 544 11.48 -6.37 24.18
N THR B 545 10.29 -6.93 23.96
CA THR B 545 10.11 -8.34 23.63
C THR B 545 9.37 -8.42 22.31
N VAL B 546 9.98 -9.08 21.32
CA VAL B 546 9.48 -9.08 19.96
C VAL B 546 9.48 -10.50 19.41
N SER B 547 8.80 -10.67 18.28
CA SER B 547 8.75 -11.96 17.61
C SER B 547 10.16 -12.44 17.29
N LYS B 548 10.32 -13.77 17.27
CA LYS B 548 11.54 -14.39 16.79
C LYS B 548 11.36 -14.77 15.33
N ASN B 549 12.42 -14.61 14.54
CA ASN B 549 12.33 -14.89 13.12
C ASN B 549 11.87 -16.34 12.91
N ASN B 550 10.98 -16.57 11.94
CA ASN B 550 10.41 -15.55 11.05
C ASN B 550 9.23 -14.83 11.71
N ILE B 551 9.29 -13.49 11.72
CA ILE B 551 8.24 -12.69 12.36
C ILE B 551 6.88 -12.96 11.73
N PHE B 552 6.85 -13.25 10.43
CA PHE B 552 5.57 -13.47 9.76
C PHE B 552 4.96 -14.81 10.11
N MET B 553 5.75 -15.73 10.66
CA MET B 553 5.25 -17.02 11.13
C MET B 553 4.99 -17.04 12.63
N SER B 554 5.89 -16.46 13.42
CA SER B 554 5.65 -16.30 14.84
C SER B 554 4.39 -15.47 15.06
N ASN B 555 3.51 -15.96 15.95
CA ASN B 555 2.24 -15.27 16.13
C ASN B 555 1.57 -15.56 17.49
N SER B 556 2.29 -16.19 18.42
CA SER B 556 1.71 -16.53 19.71
C SER B 556 2.69 -16.18 20.82
N TYR B 557 2.23 -15.41 21.80
CA TYR B 557 3.04 -15.03 22.94
C TYR B 557 2.72 -15.91 24.15
N PRO B 558 3.72 -16.30 24.96
CA PRO B 558 5.16 -16.01 24.86
C PRO B 558 5.95 -17.08 24.09
N ARG B 559 5.25 -18.01 23.45
CA ARG B 559 5.93 -19.11 22.76
C ARG B 559 6.93 -18.59 21.73
N ASP B 560 6.50 -17.66 20.88
CA ASP B 560 7.30 -17.24 19.74
C ASP B 560 7.89 -15.84 19.93
N PHE B 561 8.48 -15.57 21.10
CA PHE B 561 9.02 -14.25 21.38
C PHE B 561 10.33 -14.35 22.14
N VAL B 562 11.17 -13.33 21.96
CA VAL B 562 12.45 -13.24 22.64
C VAL B 562 12.65 -11.80 23.08
N ASN B 563 13.66 -11.59 23.93
CA ASN B 563 14.01 -10.26 24.39
C ASN B 563 14.85 -9.55 23.33
N CYS B 564 14.65 -8.24 23.23
CA CYS B 564 15.35 -7.46 22.20
C CYS B 564 16.86 -7.56 22.36
N SER B 565 17.35 -7.78 23.58
CA SER B 565 18.78 -7.87 23.80
C SER B 565 19.41 -9.02 23.04
N THR B 566 18.63 -9.99 22.58
CA THR B 566 19.18 -11.16 21.93
C THR B 566 19.48 -10.94 20.46
N LEU B 567 18.73 -10.05 19.80
CA LEU B 567 18.95 -9.83 18.38
C LEU B 567 20.09 -8.84 18.15
N PRO B 568 20.84 -9.00 17.06
CA PRO B 568 21.94 -8.06 16.78
C PRO B 568 21.45 -6.81 16.09
N ALA B 569 22.03 -5.68 16.48
CA ALA B 569 21.72 -4.41 15.85
C ALA B 569 22.54 -4.23 14.57
N LEU B 570 22.04 -3.37 13.69
CA LEU B 570 22.72 -3.10 12.43
C LEU B 570 24.05 -2.40 12.69
N ASN B 571 25.12 -2.93 12.09
CA ASN B 571 26.46 -2.38 12.27
C ASN B 571 26.78 -1.48 11.09
N LEU B 572 26.77 -0.17 11.32
CA LEU B 572 27.07 0.81 10.29
C LEU B 572 28.55 1.12 10.18
N ALA B 573 29.41 0.28 10.79
CA ALA B 573 30.84 0.57 10.78
C ALA B 573 31.40 0.64 9.37
N SER B 574 30.87 -0.16 8.44
CA SER B 574 31.36 -0.16 7.07
C SER B 574 30.90 1.06 6.28
N TRP B 575 29.99 1.86 6.82
CA TRP B 575 29.60 3.12 6.21
C TRP B 575 30.55 4.26 6.57
N ARG B 576 31.66 3.96 7.23
CA ARG B 576 32.63 4.98 7.59
C ARG B 576 33.48 5.36 6.38
N GLU B 577 33.71 6.65 6.22
CA GLU B 577 34.54 7.20 5.16
C GLU B 577 35.80 7.80 5.77
N ALA B 578 36.95 7.51 5.18
CA ALA B 578 38.24 7.98 5.71
C ALA B 578 38.36 9.50 5.62
C1 NAG C . 13.73 18.65 12.53
C2 NAG C . 12.33 18.98 13.05
C3 NAG C . 12.43 19.86 14.29
C4 NAG C . 13.49 19.34 15.25
C5 NAG C . 14.81 19.10 14.52
C6 NAG C . 15.88 18.60 15.47
C7 NAG C . 10.64 19.03 11.22
C8 NAG C . 9.74 19.92 10.43
N2 NAG C . 11.53 19.64 12.02
O3 NAG C . 11.14 19.88 14.90
O4 NAG C . 13.75 20.27 16.31
O5 NAG C . 14.61 18.14 13.51
O6 NAG C . 16.95 18.04 14.71
O7 NAG C . 10.57 17.82 11.16
C1 NAG C . 13.04 19.86 17.49
C2 NAG C . 13.68 20.36 18.78
C3 NAG C . 12.87 19.90 19.98
C4 NAG C . 11.38 20.16 19.82
C5 NAG C . 10.91 19.69 18.45
C6 NAG C . 9.45 19.98 18.20
C7 NAG C . 16.09 20.54 18.49
C8 NAG C . 17.42 19.98 18.90
N2 NAG C . 15.03 19.85 18.90
O3 NAG C . 13.34 20.56 21.16
O4 NAG C . 10.65 19.43 20.82
O5 NAG C . 11.70 20.33 17.46
O6 NAG C . 8.81 18.73 17.88
O7 NAG C . 16.00 21.56 17.83
C1 BMA C . 9.80 20.32 21.56
C2 BMA C . 8.82 19.49 22.40
C3 BMA C . 7.95 20.40 23.27
C4 BMA C . 8.82 21.34 24.06
C5 BMA C . 9.70 22.12 23.11
C6 BMA C . 10.58 23.13 23.84
O2 BMA C . 9.55 18.59 23.25
O3 BMA C . 7.15 19.61 24.16
O4 BMA C . 7.99 22.22 24.83
O5 BMA C . 10.53 21.21 22.40
O6 BMA C . 11.68 23.50 23.00
C1 NAG D . -12.57 10.07 20.81
C2 NAG D . -13.14 8.89 21.59
C3 NAG D . -13.29 9.18 23.08
C4 NAG D . -12.11 9.98 23.61
C5 NAG D . -11.99 11.23 22.74
C6 NAG D . -11.02 12.30 23.24
C7 NAG D . -14.76 7.23 21.04
C8 NAG D . -16.01 6.88 20.32
N2 NAG D . -14.43 8.52 21.05
O3 NAG D . -13.38 7.95 23.79
O4 NAG D . -12.31 10.29 25.01
O5 NAG D . -11.54 10.79 21.47
O6 NAG D . -9.69 11.79 23.19
O7 NAG D . -14.05 6.41 21.60
C1 NAG D . -11.10 10.02 25.74
C2 NAG D . -11.03 10.88 27.00
C3 NAG D . -9.80 10.59 27.85
C4 NAG D . -9.42 9.13 27.89
C5 NAG D . -9.54 8.49 26.52
C6 NAG D . -9.16 7.02 26.54
C7 NAG D . -12.03 13.05 26.73
C8 NAG D . -12.01 14.32 25.95
N2 NAG D . -10.97 12.27 26.59
O3 NAG D . -10.06 11.05 29.19
O4 NAG D . -8.06 9.01 28.37
O5 NAG D . -10.88 8.66 26.07
O6 NAG D . -7.78 6.89 26.17
O7 NAG D . -12.95 12.74 27.46
C1 NAG E . 16.79 -11.49 -20.54
C2 NAG E . 17.51 -12.82 -20.73
C3 NAG E . 17.03 -13.49 -22.01
C4 NAG E . 15.51 -13.63 -22.00
C5 NAG E . 14.86 -12.28 -21.72
C6 NAG E . 13.35 -12.37 -21.54
C7 NAG E . 19.75 -12.93 -19.73
C8 NAG E . 21.21 -12.68 -19.94
N2 NAG E . 18.95 -12.63 -20.76
O3 NAG E . 17.64 -14.77 -22.14
O4 NAG E . 15.05 -14.12 -23.26
O5 NAG E . 15.38 -11.71 -20.51
O6 NAG E . 12.99 -12.26 -20.18
O7 NAG E . 19.31 -13.39 -18.68
CA CA F . 8.41 1.67 -5.06
CL CL G . 5.16 4.11 -2.78
CL CL H . -2.01 -7.24 -17.30
CL CL I . -5.30 -17.12 -1.49
#